data_8VZL
#
_entry.id   8VZL
#
_cell.length_a   65.090
_cell.length_b   115.272
_cell.length_c   123.871
_cell.angle_alpha   90.000
_cell.angle_beta   90.000
_cell.angle_gamma   90.000
#
_symmetry.space_group_name_H-M   'P 21 21 21'
#
loop_
_entity.id
_entity.type
_entity.pdbx_description
1 polymer 'DNA ligase 1'
2 polymer "DNA/RNA (5'-D(*GP*CP*TP*GP*AP*TP*GP*CP*GP*T)-R(P*G)-3')"
3 polymer "DNA (5'-D(*GP*TP*CP*CP*GP*AP*CP*CP*AP*CP*GP*CP*AP*TP*CP*AP*GP*C)-3')"
4 polymer "DNA (5'-D(P*GP*TP*CP*GP*GP*AP*C)-3')"
5 non-polymer 'ADENOSINE MONOPHOSPHATE'
6 water water
#
loop_
_entity_poly.entity_id
_entity_poly.type
_entity_poly.pdbx_seq_one_letter_code
_entity_poly.pdbx_strand_id
1 'polypeptide(L)'
;LDPSGYNPAKNNYHPVEDACWKPGQKVPYLAVARTFEKIEEVSARLRMVETLSNLLRSVVALSPPDLLPVLYLSLNHLGP
PQQGLALGVGDGVLLKAVAQATGRQLESVRAEAAEKGDVGLVAENSRSTQRLMLPPPPLTASGVFSKFRDIARLTGSAST
AKKIDIIKGLFVACRHSEARFIARSLSGRLRLGLAEQSVLAALSQAVSLTPPGQEFPPAMVDAGKGKTAEARKTWLEEQG
MILKQTFCEVPDLDRIIPVLLEHGLERLPEHCKLSPGIPLKPMLAHPTRGISEVLKRFEEAAFTCEYKYDGQRAQIHALE
GGEVKIFSRNQADNTGKYPDIISRIPKIKLPSVTSFILDTEAVAWDREKKQIQPFQVLTTRKRKEVDASEIQVQVCLYAF
DLIYLNGESLVREPLSRRRQLLRENFVETEGEFVFATSLDTKDIEQIAEFLEQSVKDSCEGLMVKTLDVDATYEIAKRSH
NWLKLKKDYLDGVGDTLDLVVIGAYLGRGKRAGRYGGFLLASYDEDSEELQAICKLGTGFSDEELEEHHQSLKALVLPSP
RPYVRIDGAVIPDHWLDPSAVWEVKCADLSLSPIYPAARGLVDSDKGISLRFPRFIRVREDKQPEQATTSAQVACLYRKQ
SQIQNQQGEDSGSDPEDTAAALEHHHHHH
;
A
2 'polydeoxyribonucleotide/polyribonucleotide hybrid' (DG)(DC)(DT)(DG)(DA)(DT)(DG)(DC)(DG)(DT)G B
3 'polydeoxyribonucleotide' (DG)(DT)(DC)(DC)(DG)(DA)(DC)(DC)(DA)(DC)(DG)(DC)(DA)(DT)(DC)(DA)(DG)(DC) D
4 'polydeoxyribonucleotide' (DG)(DT)(DC)(DG)(DG)(DA)(DC) C
#
loop_
_chem_comp.id
_chem_comp.type
_chem_comp.name
_chem_comp.formula
AMP non-polymer 'ADENOSINE MONOPHOSPHATE' 'C10 H14 N5 O7 P'
DA DNA linking 2'-DEOXYADENOSINE-5'-MONOPHOSPHATE 'C10 H14 N5 O6 P'
DC DNA linking 2'-DEOXYCYTIDINE-5'-MONOPHOSPHATE 'C9 H14 N3 O7 P'
DG DNA linking 2'-DEOXYGUANOSINE-5'-MONOPHOSPHATE 'C10 H14 N5 O7 P'
DT DNA linking THYMIDINE-5'-MONOPHOSPHATE 'C10 H15 N2 O8 P'
G RNA linking GUANOSINE-5'-MONOPHOSPHATE 'C10 H14 N5 O8 P'
#
# COMPACT_ATOMS: atom_id res chain seq x y z
N LEU A 1 -21.86 -2.80 -31.28
CA LEU A 1 -22.31 -1.45 -31.64
C LEU A 1 -21.20 -0.42 -31.45
N ASP A 2 -21.53 0.69 -30.80
CA ASP A 2 -20.57 1.77 -30.58
C ASP A 2 -20.12 1.76 -29.13
N PRO A 3 -18.84 1.55 -28.85
CA PRO A 3 -18.38 1.61 -27.44
C PRO A 3 -18.42 3.00 -26.84
N SER A 4 -18.53 4.05 -27.66
CA SER A 4 -18.59 5.41 -27.12
CA SER A 4 -18.59 5.41 -27.12
C SER A 4 -19.86 5.66 -26.32
N GLY A 5 -20.93 4.90 -26.59
CA GLY A 5 -22.17 5.06 -25.85
C GLY A 5 -22.40 3.95 -24.83
N TYR A 6 -21.35 3.22 -24.48
CA TYR A 6 -21.47 2.14 -23.52
C TYR A 6 -21.88 2.69 -22.15
N ASN A 7 -22.85 2.01 -21.52
CA ASN A 7 -23.36 2.42 -20.21
C ASN A 7 -23.45 1.19 -19.34
N PRO A 8 -22.38 0.87 -18.60
CA PRO A 8 -22.45 -0.24 -17.64
C PRO A 8 -23.20 0.10 -16.37
N ALA A 9 -23.62 1.35 -16.18
CA ALA A 9 -24.39 1.77 -15.03
C ALA A 9 -25.89 1.85 -15.33
N LYS A 10 -26.31 1.31 -16.48
CA LYS A 10 -27.73 1.35 -16.84
C LYS A 10 -28.55 0.50 -15.88
N ASN A 11 -29.70 1.02 -15.48
CA ASN A 11 -30.65 0.23 -14.73
C ASN A 11 -31.15 -0.91 -15.59
N ASN A 12 -31.19 -2.11 -15.02
CA ASN A 12 -31.60 -3.33 -15.72
C ASN A 12 -30.64 -3.61 -16.88
N TYR A 13 -29.44 -4.05 -16.50
CA TYR A 13 -28.35 -4.24 -17.44
C TYR A 13 -28.35 -5.68 -17.95
N HIS A 14 -28.40 -5.84 -19.27
CA HIS A 14 -28.29 -7.15 -19.90
C HIS A 14 -26.87 -7.38 -20.34
N PRO A 15 -26.18 -8.41 -19.83
CA PRO A 15 -24.77 -8.61 -20.20
C PRO A 15 -24.53 -8.80 -21.68
N VAL A 16 -25.52 -9.29 -22.43
CA VAL A 16 -25.36 -9.56 -23.86
C VAL A 16 -25.92 -8.43 -24.70
N GLU A 17 -27.11 -7.92 -24.36
CA GLU A 17 -27.75 -6.89 -25.17
C GLU A 17 -27.08 -5.53 -24.98
N ASP A 18 -26.72 -5.18 -23.74
CA ASP A 18 -26.16 -3.87 -23.45
C ASP A 18 -24.65 -3.79 -23.70
N ALA A 19 -24.03 -4.88 -24.17
CA ALA A 19 -22.62 -4.84 -24.47
C ALA A 19 -22.37 -4.08 -25.77
N CYS A 20 -21.09 -3.75 -26.01
CA CYS A 20 -20.68 -2.99 -27.18
C CYS A 20 -19.64 -3.73 -28.00
N TRP A 21 -19.65 -5.07 -27.95
CA TRP A 21 -18.74 -5.86 -28.76
C TRP A 21 -19.33 -7.24 -28.97
N LYS A 22 -19.05 -7.82 -30.13
CA LYS A 22 -19.57 -9.12 -30.49
C LYS A 22 -18.90 -10.23 -29.67
N PRO A 23 -19.56 -11.36 -29.51
CA PRO A 23 -18.94 -12.47 -28.77
C PRO A 23 -17.71 -13.00 -29.49
N GLY A 24 -16.77 -13.54 -28.70
CA GLY A 24 -15.51 -13.99 -29.23
C GLY A 24 -14.56 -12.89 -29.68
N GLN A 25 -15.02 -11.65 -29.72
CA GLN A 25 -14.20 -10.51 -30.12
C GLN A 25 -13.54 -9.89 -28.89
N LYS A 26 -12.33 -9.38 -29.09
CA LYS A 26 -11.57 -8.77 -27.99
C LYS A 26 -12.37 -7.63 -27.37
N VAL A 27 -12.31 -7.53 -26.05
CA VAL A 27 -13.01 -6.47 -25.34
C VAL A 27 -12.34 -5.12 -25.65
N PRO A 28 -13.09 -4.12 -26.11
CA PRO A 28 -12.46 -2.83 -26.42
C PRO A 28 -12.11 -2.07 -25.14
N TYR A 29 -10.96 -1.38 -25.20
CA TYR A 29 -10.54 -0.61 -24.03
C TYR A 29 -11.49 0.55 -23.74
N LEU A 30 -12.18 1.06 -24.77
CA LEU A 30 -13.14 2.13 -24.54
C LEU A 30 -14.28 1.67 -23.63
N ALA A 31 -14.69 0.40 -23.75
CA ALA A 31 -15.68 -0.14 -22.84
C ALA A 31 -15.16 -0.13 -21.40
N VAL A 32 -13.87 -0.39 -21.22
CA VAL A 32 -13.29 -0.30 -19.89
C VAL A 32 -13.20 1.16 -19.44
N ALA A 33 -12.80 2.05 -20.35
CA ALA A 33 -12.70 3.47 -20.00
C ALA A 33 -14.06 4.06 -19.65
N ARG A 34 -15.10 3.67 -20.40
CA ARG A 34 -16.44 4.15 -20.08
C ARG A 34 -16.90 3.63 -18.73
N THR A 35 -16.56 2.38 -18.40
CA THR A 35 -16.89 1.83 -17.09
C THR A 35 -16.15 2.59 -15.99
N PHE A 36 -14.88 2.92 -16.22
CA PHE A 36 -14.14 3.74 -15.26
C PHE A 36 -14.78 5.11 -15.12
N GLU A 37 -15.40 5.62 -16.19
CA GLU A 37 -16.05 6.92 -16.13
C GLU A 37 -17.27 6.89 -15.22
N LYS A 38 -18.12 5.86 -15.37
CA LYS A 38 -19.29 5.75 -14.52
C LYS A 38 -18.92 5.43 -13.08
N ILE A 39 -17.80 4.74 -12.87
CA ILE A 39 -17.37 4.39 -11.52
C ILE A 39 -16.88 5.65 -10.79
N GLU A 40 -16.04 6.44 -11.45
CA GLU A 40 -15.54 7.67 -10.84
C GLU A 40 -16.64 8.70 -10.65
N GLU A 41 -17.69 8.63 -11.48
CA GLU A 41 -18.77 9.62 -11.42
C GLU A 41 -19.52 9.56 -10.10
N VAL A 42 -19.53 8.41 -9.43
CA VAL A 42 -20.32 8.22 -8.22
C VAL A 42 -19.37 8.02 -7.04
N SER A 43 -19.95 8.09 -5.83
CA SER A 43 -19.18 7.94 -4.60
C SER A 43 -19.63 6.78 -3.73
N ALA A 44 -20.79 6.18 -4.01
CA ALA A 44 -21.26 5.03 -3.25
C ALA A 44 -20.57 3.77 -3.76
N ARG A 45 -19.90 3.05 -2.85
CA ARG A 45 -19.17 1.85 -3.24
C ARG A 45 -20.10 0.76 -3.76
N LEU A 46 -21.32 0.67 -3.22
CA LEU A 46 -22.25 -0.35 -3.70
C LEU A 46 -22.65 -0.09 -5.15
N ARG A 47 -22.79 1.18 -5.52
CA ARG A 47 -23.09 1.50 -6.92
C ARG A 47 -21.87 1.31 -7.80
N MET A 48 -20.68 1.60 -7.28
CA MET A 48 -19.45 1.37 -8.04
C MET A 48 -19.23 -0.12 -8.30
N VAL A 49 -19.57 -0.97 -7.33
CA VAL A 49 -19.36 -2.40 -7.49
C VAL A 49 -20.30 -2.97 -8.55
N GLU A 50 -21.57 -2.56 -8.52
CA GLU A 50 -22.53 -3.07 -9.50
C GLU A 50 -22.19 -2.61 -10.91
N THR A 51 -21.61 -1.42 -11.07
CA THR A 51 -21.20 -0.96 -12.39
C THR A 51 -20.05 -1.80 -12.93
N LEU A 52 -19.04 -2.08 -12.09
CA LEU A 52 -17.95 -2.94 -12.51
C LEU A 52 -18.41 -4.37 -12.73
N SER A 53 -19.33 -4.84 -11.88
CA SER A 53 -19.88 -6.18 -12.05
C SER A 53 -20.61 -6.34 -13.37
N ASN A 54 -21.22 -5.26 -13.88
CA ASN A 54 -21.90 -5.33 -15.16
C ASN A 54 -20.90 -5.52 -16.30
N LEU A 55 -19.77 -4.82 -16.25
CA LEU A 55 -18.72 -5.04 -17.24
C LEU A 55 -18.19 -6.46 -17.16
N LEU A 56 -17.90 -6.93 -15.93
CA LEU A 56 -17.37 -8.28 -15.76
C LEU A 56 -18.37 -9.32 -16.23
N ARG A 57 -19.67 -9.06 -16.03
CA ARG A 57 -20.69 -10.00 -16.51
C ARG A 57 -20.68 -10.09 -18.03
N SER A 58 -20.51 -8.96 -18.72
CA SER A 58 -20.45 -8.98 -20.17
C SER A 58 -19.16 -9.63 -20.66
N VAL A 59 -18.10 -9.57 -19.86
CA VAL A 59 -16.83 -10.16 -20.27
C VAL A 59 -16.87 -11.67 -20.16
N VAL A 60 -17.32 -12.19 -19.02
CA VAL A 60 -17.30 -13.64 -18.80
C VAL A 60 -18.17 -14.35 -19.84
N ALA A 61 -19.30 -13.75 -20.18
CA ALA A 61 -20.23 -14.40 -21.11
C ALA A 61 -19.80 -14.26 -22.56
N LEU A 62 -19.10 -13.18 -22.91
CA LEU A 62 -18.76 -12.89 -24.30
C LEU A 62 -17.30 -13.11 -24.64
N SER A 63 -16.38 -12.75 -23.75
CA SER A 63 -14.94 -12.94 -23.98
C SER A 63 -14.26 -13.37 -22.68
N PRO A 64 -14.43 -14.64 -22.29
CA PRO A 64 -13.82 -15.12 -21.05
C PRO A 64 -12.32 -14.89 -20.99
N PRO A 65 -11.55 -15.18 -22.06
CA PRO A 65 -10.09 -15.01 -21.95
C PRO A 65 -9.64 -13.58 -21.71
N ASP A 66 -10.52 -12.59 -21.84
CA ASP A 66 -10.19 -11.20 -21.56
C ASP A 66 -10.54 -10.80 -20.14
N LEU A 67 -10.97 -11.74 -19.30
CA LEU A 67 -11.34 -11.40 -17.93
C LEU A 67 -10.10 -11.05 -17.10
N LEU A 68 -9.01 -11.81 -17.28
CA LEU A 68 -7.79 -11.53 -16.53
C LEU A 68 -7.24 -10.14 -16.80
N PRO A 69 -7.09 -9.68 -18.06
CA PRO A 69 -6.56 -8.32 -18.25
C PRO A 69 -7.51 -7.24 -17.74
N VAL A 70 -8.82 -7.44 -17.88
CA VAL A 70 -9.78 -6.44 -17.42
C VAL A 70 -9.67 -6.26 -15.91
N LEU A 71 -9.56 -7.37 -15.18
CA LEU A 71 -9.40 -7.28 -13.72
C LEU A 71 -8.09 -6.60 -13.35
N TYR A 72 -7.02 -6.91 -14.09
CA TYR A 72 -5.73 -6.28 -13.81
C TYR A 72 -5.76 -4.79 -14.14
N LEU A 73 -6.46 -4.41 -15.22
CA LEU A 73 -6.59 -3.00 -15.55
C LEU A 73 -7.42 -2.25 -14.51
N SER A 74 -8.46 -2.90 -13.97
CA SER A 74 -9.28 -2.27 -12.95
C SER A 74 -8.53 -2.11 -11.64
N LEU A 75 -7.60 -3.01 -11.35
CA LEU A 75 -6.78 -2.91 -10.15
C LEU A 75 -5.55 -2.03 -10.36
N ASN A 76 -5.25 -1.66 -11.59
CA ASN A 76 -3.98 -1.00 -11.93
C ASN A 76 -2.79 -1.84 -11.47
N HIS A 77 -2.86 -3.14 -11.74
CA HIS A 77 -1.81 -4.08 -11.39
C HIS A 77 -1.22 -4.68 -12.66
N LEU A 78 0.06 -5.05 -12.60
CA LEU A 78 0.73 -5.67 -13.73
C LEU A 78 0.70 -7.19 -13.67
N GLY A 79 0.44 -7.77 -12.51
CA GLY A 79 0.39 -9.20 -12.34
C GLY A 79 0.42 -9.60 -10.89
N PRO A 80 0.73 -10.87 -10.62
CA PRO A 80 0.84 -11.32 -9.22
C PRO A 80 1.97 -10.60 -8.51
N PRO A 81 1.80 -10.29 -7.23
CA PRO A 81 2.80 -9.48 -6.52
C PRO A 81 4.15 -10.17 -6.33
N GLN A 82 4.20 -11.50 -6.37
CA GLN A 82 5.46 -12.19 -6.16
C GLN A 82 6.36 -12.15 -7.40
N GLN A 83 5.84 -11.72 -8.55
CA GLN A 83 6.67 -11.61 -9.74
C GLN A 83 7.45 -10.30 -9.80
N GLY A 84 7.07 -9.31 -9.01
CA GLY A 84 7.84 -8.08 -8.90
C GLY A 84 7.90 -7.24 -10.16
N LEU A 85 6.82 -7.20 -10.94
CA LEU A 85 6.79 -6.36 -12.12
C LEU A 85 6.55 -4.90 -11.73
N ALA A 86 7.37 -4.01 -12.27
CA ALA A 86 7.24 -2.59 -11.98
C ALA A 86 7.36 -1.80 -13.29
N LEU A 87 6.53 -0.78 -13.43
CA LEU A 87 6.49 0.00 -14.66
C LEU A 87 7.82 0.71 -14.91
N GLY A 88 8.44 1.24 -13.86
CA GLY A 88 9.66 1.98 -14.03
C GLY A 88 9.49 3.29 -14.77
N VAL A 89 8.32 3.92 -14.64
CA VAL A 89 8.00 5.15 -15.35
C VAL A 89 7.63 6.21 -14.32
N GLY A 90 8.42 7.29 -14.28
CA GLY A 90 8.14 8.38 -13.37
C GLY A 90 7.18 9.40 -13.96
N ASP A 91 6.87 10.41 -13.15
CA ASP A 91 6.00 11.47 -13.61
C ASP A 91 6.64 12.28 -14.73
N GLY A 92 7.94 12.57 -14.61
CA GLY A 92 8.62 13.32 -15.64
C GLY A 92 8.69 12.58 -16.96
N VAL A 93 8.86 11.25 -16.91
CA VAL A 93 8.87 10.46 -18.13
C VAL A 93 7.49 10.43 -18.76
N LEU A 94 6.45 10.26 -17.94
CA LEU A 94 5.09 10.27 -18.47
C LEU A 94 4.74 11.63 -19.05
N LEU A 95 5.17 12.71 -18.39
CA LEU A 95 4.91 14.05 -18.91
C LEU A 95 5.65 14.29 -20.22
N LYS A 96 6.86 13.74 -20.36
CA LYS A 96 7.58 13.86 -21.62
C LYS A 96 6.85 13.12 -22.73
N ALA A 97 6.28 11.95 -22.42
CA ALA A 97 5.53 11.21 -23.42
C ALA A 97 4.24 11.92 -23.78
N VAL A 98 3.60 12.59 -22.83
CA VAL A 98 2.38 13.34 -23.13
C VAL A 98 2.69 14.52 -24.04
N ALA A 99 3.75 15.27 -23.71
CA ALA A 99 4.09 16.44 -24.52
C ALA A 99 4.45 16.05 -25.95
N GLN A 100 5.17 14.93 -26.10
CA GLN A 100 5.56 14.51 -27.45
C GLN A 100 4.37 13.98 -28.24
N ALA A 101 3.45 13.29 -27.56
CA ALA A 101 2.30 12.72 -28.26
C ALA A 101 1.32 13.80 -28.69
N THR A 102 1.14 14.83 -27.86
CA THR A 102 0.20 15.91 -28.16
C THR A 102 0.84 17.06 -28.93
N GLY A 103 2.16 17.03 -29.12
CA GLY A 103 2.83 18.10 -29.84
C GLY A 103 2.98 19.39 -29.07
N ARG A 104 2.86 19.37 -27.75
CA ARG A 104 2.99 20.55 -26.92
C ARG A 104 4.36 20.57 -26.24
N GLN A 105 4.74 21.75 -25.76
CA GLN A 105 6.01 21.89 -25.05
C GLN A 105 5.92 21.26 -23.67
N LEU A 106 7.07 20.75 -23.21
CA LEU A 106 7.09 20.03 -21.93
C LEU A 106 6.72 20.95 -20.77
N GLU A 107 7.16 22.21 -20.82
CA GLU A 107 6.85 23.14 -19.74
C GLU A 107 5.36 23.43 -19.69
N SER A 108 4.72 23.57 -20.85
CA SER A 108 3.28 23.81 -20.87
C SER A 108 2.50 22.62 -20.30
N VAL A 109 2.97 21.40 -20.58
CA VAL A 109 2.29 20.22 -20.08
C VAL A 109 2.54 20.06 -18.58
N ARG A 110 3.76 20.35 -18.13
CA ARG A 110 4.07 20.17 -16.71
C ARG A 110 3.33 21.18 -15.85
N ALA A 111 3.19 22.42 -16.33
CA ALA A 111 2.46 23.42 -15.57
C ALA A 111 0.98 23.07 -15.46
N GLU A 112 0.39 22.55 -16.53
CA GLU A 112 -1.02 22.17 -16.49
C GLU A 112 -1.24 20.96 -15.58
N ALA A 113 -0.30 20.01 -15.58
CA ALA A 113 -0.45 18.83 -14.73
C ALA A 113 -0.35 19.20 -13.26
N ALA A 114 0.54 20.12 -12.91
CA ALA A 114 0.68 20.54 -11.52
C ALA A 114 -0.52 21.38 -11.07
N GLU A 115 -1.02 22.25 -11.95
CA GLU A 115 -2.15 23.09 -11.58
C GLU A 115 -3.46 22.31 -11.53
N LYS A 116 -3.57 21.24 -12.31
CA LYS A 116 -4.76 20.39 -12.29
C LYS A 116 -4.62 19.19 -11.36
N GLY A 117 -3.41 18.88 -10.91
CA GLY A 117 -3.20 17.75 -10.02
C GLY A 117 -3.53 16.41 -10.62
N ASP A 118 -3.54 16.30 -11.95
CA ASP A 118 -3.89 15.05 -12.61
C ASP A 118 -3.35 15.10 -14.03
N VAL A 119 -2.52 14.12 -14.39
CA VAL A 119 -1.98 14.06 -15.75
C VAL A 119 -3.01 13.55 -16.75
N GLY A 120 -4.02 12.79 -16.29
CA GLY A 120 -5.00 12.25 -17.21
C GLY A 120 -5.81 13.33 -17.91
N LEU A 121 -6.15 14.40 -17.18
CA LEU A 121 -6.89 15.50 -17.79
C LEU A 121 -6.05 16.22 -18.84
N VAL A 122 -4.74 16.33 -18.61
CA VAL A 122 -3.88 17.02 -19.55
C VAL A 122 -3.68 16.17 -20.81
N ALA A 123 -3.52 14.85 -20.64
CA ALA A 123 -3.26 13.99 -21.78
C ALA A 123 -4.49 13.83 -22.67
N GLU A 124 -5.69 13.98 -22.11
CA GLU A 124 -6.90 13.74 -22.87
C GLU A 124 -7.27 14.94 -23.74
N ASN A 125 -7.44 16.10 -23.11
CA ASN A 125 -7.88 17.32 -23.82
C ASN A 125 -6.77 17.96 -24.65
N SER A 126 -6.00 17.16 -25.39
CA SER A 126 -4.93 17.69 -26.24
C SER A 126 -4.84 16.77 -27.47
N ARG A 127 -5.60 17.11 -28.50
CA ARG A 127 -5.61 16.32 -29.73
C ARG A 127 -4.95 17.06 -30.88
N SER A 128 -3.73 17.57 -30.63
CA SER A 128 -2.99 18.31 -31.64
C SER A 128 -1.91 17.47 -32.31
N THR A 129 -1.29 16.54 -31.58
CA THR A 129 -0.27 15.67 -32.14
C THR A 129 -0.80 14.74 -33.22
N GLN A 130 -2.11 14.58 -33.34
CA GLN A 130 -2.67 13.78 -34.42
C GLN A 130 -2.34 14.38 -35.79
N ARG A 131 -2.33 15.71 -35.87
CA ARG A 131 -2.00 16.44 -37.10
C ARG A 131 -2.78 15.90 -38.30
N LEU A 132 -2.11 15.12 -39.14
CA LEU A 132 -2.70 14.49 -40.32
C LEU A 132 -2.47 12.98 -40.21
N MET A 133 -3.18 12.34 -39.29
CA MET A 133 -3.05 10.90 -39.07
C MET A 133 -4.44 10.29 -39.03
N LEU A 134 -4.68 9.32 -39.91
CA LEU A 134 -5.91 8.55 -39.85
C LEU A 134 -5.99 7.80 -38.52
N PRO A 135 -7.18 7.63 -37.96
CA PRO A 135 -7.30 7.01 -36.64
C PRO A 135 -6.73 5.60 -36.65
N PRO A 136 -5.82 5.30 -35.72
CA PRO A 136 -5.28 3.94 -35.61
C PRO A 136 -6.36 2.96 -35.21
N PRO A 137 -6.13 1.66 -35.36
CA PRO A 137 -7.12 0.66 -34.93
C PRO A 137 -7.44 0.84 -33.45
N PRO A 138 -8.71 0.65 -33.07
CA PRO A 138 -9.11 0.94 -31.69
C PRO A 138 -8.35 0.08 -30.69
N LEU A 139 -8.18 0.62 -29.49
CA LEU A 139 -7.43 -0.07 -28.44
C LEU A 139 -8.29 -1.17 -27.82
N THR A 140 -7.64 -2.29 -27.50
CA THR A 140 -8.28 -3.41 -26.82
C THR A 140 -7.76 -3.49 -25.40
N ALA A 141 -8.59 -4.09 -24.53
CA ALA A 141 -8.21 -4.22 -23.12
C ALA A 141 -7.00 -5.13 -22.96
N SER A 142 -6.96 -6.25 -23.68
CA SER A 142 -5.81 -7.15 -23.59
C SER A 142 -4.57 -6.54 -24.23
N GLY A 143 -4.75 -5.77 -25.31
CA GLY A 143 -3.60 -5.14 -25.94
C GLY A 143 -3.01 -4.04 -25.10
N VAL A 144 -3.86 -3.23 -24.45
CA VAL A 144 -3.37 -2.18 -23.57
C VAL A 144 -2.62 -2.78 -22.38
N PHE A 145 -3.19 -3.84 -21.79
CA PHE A 145 -2.51 -4.52 -20.68
C PHE A 145 -1.18 -5.12 -21.13
N SER A 146 -1.14 -5.66 -22.35
CA SER A 146 0.11 -6.21 -22.86
C SER A 146 1.16 -5.12 -23.07
N LYS A 147 0.75 -3.92 -23.47
CA LYS A 147 1.69 -2.82 -23.61
C LYS A 147 2.23 -2.38 -22.25
N PHE A 148 1.39 -2.41 -21.22
CA PHE A 148 1.85 -2.08 -19.87
C PHE A 148 2.93 -3.05 -19.41
N ARG A 149 2.74 -4.35 -19.65
CA ARG A 149 3.76 -5.33 -19.31
C ARG A 149 5.00 -5.16 -20.15
N ASP A 150 4.85 -4.74 -21.42
CA ASP A 150 6.01 -4.48 -22.26
C ASP A 150 6.85 -3.34 -21.70
N ILE A 151 6.18 -2.29 -21.21
CA ILE A 151 6.90 -1.18 -20.59
C ILE A 151 7.62 -1.64 -19.34
N ALA A 152 6.95 -2.44 -18.52
CA ALA A 152 7.55 -2.92 -17.28
C ALA A 152 8.71 -3.87 -17.52
N ARG A 153 8.76 -4.52 -18.68
CA ARG A 153 9.83 -5.47 -18.97
C ARG A 153 11.08 -4.81 -19.51
N LEU A 154 10.99 -3.58 -20.01
CA LEU A 154 12.14 -2.91 -20.59
C LEU A 154 13.12 -2.50 -19.50
N THR A 155 14.36 -2.96 -19.62
CA THR A 155 15.42 -2.65 -18.67
C THR A 155 16.70 -2.32 -19.41
N GLY A 156 17.70 -1.87 -18.67
CA GLY A 156 19.00 -1.59 -19.25
C GLY A 156 19.14 -0.18 -19.76
N SER A 157 20.27 0.05 -20.42
CA SER A 157 20.57 1.37 -20.97
C SER A 157 19.60 1.71 -22.10
N ALA A 158 19.24 2.99 -22.17
CA ALA A 158 18.32 3.53 -23.19
C ALA A 158 16.93 2.89 -23.12
N SER A 159 16.56 2.31 -21.97
CA SER A 159 15.24 1.72 -21.83
C SER A 159 14.16 2.78 -21.64
N THR A 160 14.51 3.94 -21.09
CA THR A 160 13.53 5.00 -20.87
C THR A 160 12.94 5.48 -22.19
N ALA A 161 13.79 5.65 -23.22
CA ALA A 161 13.30 6.11 -24.51
C ALA A 161 12.39 5.08 -25.17
N LYS A 162 12.63 3.79 -24.92
CA LYS A 162 11.75 2.76 -25.47
C LYS A 162 10.41 2.72 -24.76
N LYS A 163 10.39 3.05 -23.46
CA LYS A 163 9.12 3.15 -22.75
C LYS A 163 8.29 4.32 -23.27
N ILE A 164 8.94 5.43 -23.60
CA ILE A 164 8.23 6.60 -24.10
C ILE A 164 7.54 6.28 -25.42
N ASP A 165 8.22 5.54 -26.30
CA ASP A 165 7.65 5.21 -27.60
C ASP A 165 6.39 4.36 -27.45
N ILE A 166 6.38 3.45 -26.48
CA ILE A 166 5.19 2.63 -26.26
C ILE A 166 4.06 3.48 -25.69
N ILE A 167 4.38 4.36 -24.73
CA ILE A 167 3.37 5.24 -24.17
C ILE A 167 2.84 6.19 -25.24
N LYS A 168 3.73 6.68 -26.11
CA LYS A 168 3.30 7.54 -27.20
C LYS A 168 2.36 6.80 -28.14
N GLY A 169 2.66 5.53 -28.43
CA GLY A 169 1.81 4.76 -29.32
C GLY A 169 0.40 4.56 -28.77
N LEU A 170 0.27 4.44 -27.45
CA LEU A 170 -1.04 4.30 -26.85
C LEU A 170 -1.84 5.60 -26.96
N PHE A 171 -1.18 6.73 -26.76
CA PHE A 171 -1.89 8.02 -26.73
C PHE A 171 -2.45 8.37 -28.10
N VAL A 172 -1.67 8.17 -29.18
CA VAL A 172 -2.16 8.49 -30.51
C VAL A 172 -3.29 7.56 -30.93
N ALA A 173 -3.44 6.42 -30.27
CA ALA A 173 -4.56 5.52 -30.51
C ALA A 173 -5.72 5.75 -29.56
N CYS A 174 -5.56 6.64 -28.58
CA CYS A 174 -6.62 6.90 -27.62
C CYS A 174 -7.70 7.78 -28.23
N ARG A 175 -8.95 7.44 -27.95
CA ARG A 175 -10.10 8.23 -28.36
C ARG A 175 -11.02 8.43 -27.17
N HIS A 176 -11.78 9.54 -27.21
CA HIS A 176 -12.73 9.89 -26.16
C HIS A 176 -12.01 10.03 -24.81
N SER A 177 -12.28 9.14 -23.87
CA SER A 177 -11.70 9.28 -22.54
C SER A 177 -10.58 8.28 -22.26
N GLU A 178 -10.06 7.62 -23.30
CA GLU A 178 -9.05 6.59 -23.10
C GLU A 178 -7.72 7.17 -22.61
N ALA A 179 -7.36 8.36 -23.13
CA ALA A 179 -6.09 8.97 -22.75
C ALA A 179 -6.06 9.34 -21.27
N ARG A 180 -7.21 9.71 -20.70
CA ARG A 180 -7.25 10.11 -19.31
C ARG A 180 -6.90 8.94 -18.38
N PHE A 181 -7.38 7.74 -18.70
CA PHE A 181 -7.21 6.60 -17.81
C PHE A 181 -5.93 5.83 -18.06
N ILE A 182 -5.36 5.91 -19.26
CA ILE A 182 -4.05 5.30 -19.48
C ILE A 182 -2.96 6.11 -18.79
N ALA A 183 -3.02 7.44 -18.90
CA ALA A 183 -2.05 8.28 -18.21
C ALA A 183 -2.20 8.17 -16.70
N ARG A 184 -3.45 8.02 -16.22
CA ARG A 184 -3.65 7.83 -14.79
C ARG A 184 -3.10 6.48 -14.33
N SER A 185 -3.26 5.44 -15.15
CA SER A 185 -2.71 4.13 -14.80
C SER A 185 -1.19 4.14 -14.80
N LEU A 186 -0.58 4.81 -15.79
CA LEU A 186 0.87 4.84 -15.88
C LEU A 186 1.48 5.64 -14.73
N SER A 187 0.76 6.61 -14.20
CA SER A 187 1.23 7.40 -13.06
C SER A 187 0.95 6.72 -11.72
N GLY A 188 0.28 5.56 -11.73
CA GLY A 188 -0.04 4.89 -10.49
C GLY A 188 -1.14 5.53 -9.68
N ARG A 189 -1.96 6.39 -10.30
CA ARG A 189 -3.05 7.08 -9.61
C ARG A 189 -4.33 6.93 -10.44
N LEU A 190 -4.91 5.74 -10.42
CA LEU A 190 -6.13 5.49 -11.19
C LEU A 190 -7.29 6.35 -10.67
N ARG A 191 -7.35 6.59 -9.36
CA ARG A 191 -8.27 7.56 -8.76
C ARG A 191 -9.73 7.17 -9.00
N LEU A 192 -10.02 5.87 -8.98
CA LEU A 192 -11.38 5.43 -9.24
C LEU A 192 -12.27 5.46 -8.01
N GLY A 193 -11.69 5.47 -6.82
CA GLY A 193 -12.43 5.23 -5.59
C GLY A 193 -12.79 3.78 -5.37
N LEU A 194 -12.40 2.89 -6.27
CA LEU A 194 -12.64 1.46 -6.18
C LEU A 194 -11.31 0.74 -6.28
N ALA A 195 -11.09 -0.25 -5.40
CA ALA A 195 -9.81 -0.94 -5.38
C ALA A 195 -9.98 -2.45 -5.23
N GLU A 196 -9.08 -3.07 -4.44
CA GLU A 196 -9.02 -4.52 -4.39
C GLU A 196 -10.29 -5.14 -3.81
N GLN A 197 -10.77 -4.59 -2.69
CA GLN A 197 -11.94 -5.18 -2.04
C GLN A 197 -13.18 -5.04 -2.92
N SER A 198 -13.33 -3.92 -3.60
CA SER A 198 -14.49 -3.73 -4.46
C SER A 198 -14.38 -4.54 -5.76
N VAL A 199 -13.16 -4.73 -6.27
CA VAL A 199 -12.99 -5.57 -7.44
C VAL A 199 -13.35 -7.01 -7.12
N LEU A 200 -12.89 -7.52 -5.97
CA LEU A 200 -13.26 -8.87 -5.55
C LEU A 200 -14.77 -8.99 -5.36
N ALA A 201 -15.40 -7.94 -4.82
CA ALA A 201 -16.85 -7.97 -4.65
C ALA A 201 -17.55 -7.96 -6.01
N ALA A 202 -17.03 -7.20 -6.97
CA ALA A 202 -17.63 -7.17 -8.29
C ALA A 202 -17.40 -8.46 -9.06
N LEU A 203 -16.28 -9.14 -8.80
CA LEU A 203 -15.98 -10.39 -9.49
C LEU A 203 -16.90 -11.51 -9.03
N SER A 204 -17.06 -11.65 -7.71
CA SER A 204 -17.93 -12.71 -7.19
C SER A 204 -19.38 -12.47 -7.56
N GLN A 205 -19.82 -11.20 -7.57
CA GLN A 205 -21.18 -10.90 -7.97
C GLN A 205 -21.40 -11.18 -9.46
N ALA A 206 -20.38 -10.95 -10.29
CA ALA A 206 -20.53 -11.17 -11.73
C ALA A 206 -20.65 -12.66 -12.05
N VAL A 207 -19.78 -13.48 -11.46
CA VAL A 207 -19.83 -14.92 -11.73
C VAL A 207 -21.01 -15.57 -11.02
N SER A 208 -21.57 -14.94 -10.00
CA SER A 208 -22.78 -15.47 -9.38
C SER A 208 -24.02 -15.14 -10.20
N LEU A 209 -24.12 -13.90 -10.66
CA LEU A 209 -25.25 -13.52 -11.51
C LEU A 209 -25.14 -14.19 -12.88
N THR A 210 -23.99 -14.05 -13.53
CA THR A 210 -23.74 -14.68 -14.83
C THR A 210 -22.68 -15.77 -14.66
N PRO A 211 -23.07 -17.03 -14.48
CA PRO A 211 -22.07 -18.07 -14.23
C PRO A 211 -21.20 -18.30 -15.44
N PRO A 212 -19.92 -18.64 -15.25
CA PRO A 212 -19.05 -18.94 -16.40
C PRO A 212 -19.27 -20.35 -16.93
N GLY A 213 -18.42 -20.77 -17.86
CA GLY A 213 -18.52 -22.10 -18.43
C GLY A 213 -19.80 -22.36 -19.18
N GLN A 214 -20.44 -21.31 -19.70
CA GLN A 214 -21.72 -21.45 -20.39
C GLN A 214 -21.54 -21.34 -21.89
N GLU A 215 -22.53 -21.87 -22.62
CA GLU A 215 -22.58 -21.81 -24.07
C GLU A 215 -23.28 -20.53 -24.48
N PHE A 216 -22.85 -19.94 -25.61
CA PHE A 216 -23.40 -18.64 -25.98
C PHE A 216 -24.46 -18.80 -27.08
N PRO A 217 -25.63 -18.12 -27.03
CA PRO A 217 -26.17 -17.28 -25.94
C PRO A 217 -26.23 -17.95 -24.57
N PRO A 218 -25.95 -17.20 -23.52
CA PRO A 218 -25.96 -17.78 -22.17
C PRO A 218 -27.37 -18.08 -21.70
N ALA A 219 -27.59 -19.33 -21.26
CA ALA A 219 -28.90 -19.71 -20.77
C ALA A 219 -29.22 -19.01 -19.46
N MET A 220 -28.22 -18.86 -18.59
CA MET A 220 -28.39 -18.21 -17.29
C MET A 220 -27.56 -16.94 -17.30
N VAL A 221 -28.24 -15.79 -17.34
CA VAL A 221 -27.58 -14.48 -17.32
C VAL A 221 -27.82 -13.71 -16.04
N ASP A 222 -28.81 -14.11 -15.23
CA ASP A 222 -29.11 -13.42 -13.97
C ASP A 222 -29.70 -14.47 -13.02
N ALA A 223 -28.83 -15.05 -12.20
CA ALA A 223 -29.23 -16.09 -11.26
C ALA A 223 -29.94 -15.54 -10.04
N GLY A 224 -30.15 -14.24 -9.95
CA GLY A 224 -30.88 -13.66 -8.83
C GLY A 224 -32.26 -13.18 -9.22
N LYS A 225 -32.82 -13.75 -10.28
CA LYS A 225 -34.13 -13.32 -10.77
C LYS A 225 -35.23 -13.74 -9.78
N GLY A 226 -35.40 -15.04 -9.59
CA GLY A 226 -36.43 -15.54 -8.69
C GLY A 226 -35.99 -15.56 -7.24
N LYS A 227 -35.50 -14.43 -6.73
CA LYS A 227 -35.04 -14.32 -5.37
C LYS A 227 -35.57 -13.05 -4.74
N THR A 228 -35.78 -13.09 -3.43
CA THR A 228 -36.20 -11.91 -2.69
C THR A 228 -35.01 -10.97 -2.49
N ALA A 229 -35.31 -9.79 -1.95
CA ALA A 229 -34.25 -8.82 -1.69
C ALA A 229 -33.29 -9.31 -0.63
N GLU A 230 -33.81 -9.90 0.46
CA GLU A 230 -32.95 -10.42 1.50
C GLU A 230 -32.29 -11.73 1.08
N ALA A 231 -32.96 -12.51 0.23
CA ALA A 231 -32.38 -13.78 -0.23
C ALA A 231 -31.21 -13.54 -1.18
N ARG A 232 -31.33 -12.54 -2.06
CA ARG A 232 -30.24 -12.23 -2.97
C ARG A 232 -29.06 -11.61 -2.25
N LYS A 233 -29.32 -10.81 -1.20
CA LYS A 233 -28.23 -10.17 -0.48
C LYS A 233 -27.38 -11.20 0.25
N THR A 234 -28.02 -12.12 0.97
CA THR A 234 -27.26 -13.13 1.70
C THR A 234 -26.58 -14.12 0.76
N TRP A 235 -27.16 -14.34 -0.42
CA TRP A 235 -26.54 -15.25 -1.39
C TRP A 235 -25.27 -14.65 -1.97
N LEU A 236 -25.32 -13.38 -2.38
CA LEU A 236 -24.14 -12.74 -2.95
C LEU A 236 -23.07 -12.51 -1.89
N GLU A 237 -23.47 -12.23 -0.64
CA GLU A 237 -22.49 -12.06 0.43
C GLU A 237 -21.80 -13.38 0.74
N GLU A 238 -22.52 -14.49 0.71
CA GLU A 238 -21.91 -15.79 0.92
C GLU A 238 -20.98 -16.16 -0.22
N GLN A 239 -21.32 -15.76 -1.45
CA GLN A 239 -20.45 -16.04 -2.59
C GLN A 239 -19.21 -15.16 -2.55
N GLY A 240 -19.36 -13.90 -2.13
CA GLY A 240 -18.21 -13.02 -2.03
C GLY A 240 -17.22 -13.44 -0.98
N MET A 241 -17.68 -14.12 0.08
CA MET A 241 -16.77 -14.60 1.11
C MET A 241 -15.98 -15.82 0.65
N ILE A 242 -16.56 -16.64 -0.22
CA ILE A 242 -15.82 -17.79 -0.76
C ILE A 242 -14.65 -17.31 -1.60
N LEU A 243 -14.86 -16.29 -2.42
CA LEU A 243 -13.78 -15.76 -3.25
C LEU A 243 -12.76 -15.01 -2.41
N LYS A 244 -13.21 -14.25 -1.42
CA LYS A 244 -12.29 -13.43 -0.63
C LYS A 244 -11.36 -14.30 0.21
N GLN A 245 -11.89 -15.33 0.86
CA GLN A 245 -11.04 -16.21 1.65
C GLN A 245 -10.05 -16.98 0.77
N THR A 246 -10.48 -17.36 -0.44
CA THR A 246 -9.56 -18.01 -1.37
C THR A 246 -8.48 -17.06 -1.83
N PHE A 247 -8.85 -15.81 -2.13
CA PHE A 247 -7.86 -14.82 -2.52
C PHE A 247 -6.92 -14.48 -1.37
N CYS A 248 -7.42 -14.49 -0.13
CA CYS A 248 -6.57 -14.20 1.01
C CYS A 248 -5.52 -15.28 1.20
N GLU A 249 -5.83 -16.52 0.82
CA GLU A 249 -4.85 -17.60 0.90
C GLU A 249 -3.98 -17.68 -0.35
N VAL A 250 -4.55 -17.38 -1.51
CA VAL A 250 -3.80 -17.38 -2.78
C VAL A 250 -4.06 -16.07 -3.51
N PRO A 251 -3.40 -14.96 -3.14
CA PRO A 251 -3.61 -13.69 -3.86
C PRO A 251 -2.90 -13.66 -5.20
N ASP A 252 -3.42 -14.45 -6.13
CA ASP A 252 -2.81 -14.60 -7.46
C ASP A 252 -3.94 -14.80 -8.46
N LEU A 253 -4.23 -13.75 -9.23
CA LEU A 253 -5.30 -13.86 -10.23
C LEU A 253 -4.92 -14.81 -11.35
N ASP A 254 -3.61 -14.99 -11.62
CA ASP A 254 -3.17 -15.95 -12.61
C ASP A 254 -3.49 -17.38 -12.20
N ARG A 255 -3.67 -17.64 -10.91
CA ARG A 255 -4.04 -18.95 -10.42
C ARG A 255 -5.53 -19.10 -10.18
N ILE A 256 -6.22 -18.03 -9.79
CA ILE A 256 -7.62 -18.09 -9.40
C ILE A 256 -8.54 -18.01 -10.62
N ILE A 257 -8.27 -17.07 -11.53
CA ILE A 257 -9.20 -16.84 -12.64
C ILE A 257 -9.35 -18.06 -13.55
N PRO A 258 -8.28 -18.71 -14.02
CA PRO A 258 -8.49 -19.90 -14.87
C PRO A 258 -9.23 -21.01 -14.16
N VAL A 259 -8.97 -21.22 -12.87
CA VAL A 259 -9.72 -22.20 -12.11
C VAL A 259 -11.18 -21.74 -11.94
N LEU A 260 -11.38 -20.43 -11.77
CA LEU A 260 -12.73 -19.91 -11.60
C LEU A 260 -13.56 -20.10 -12.86
N LEU A 261 -12.94 -19.95 -14.04
CA LEU A 261 -13.66 -20.05 -15.29
C LEU A 261 -13.94 -21.49 -15.72
N GLU A 262 -13.27 -22.47 -15.11
CA GLU A 262 -13.45 -23.86 -15.48
C GLU A 262 -14.31 -24.65 -14.51
N HIS A 263 -14.28 -24.30 -13.23
CA HIS A 263 -15.00 -25.05 -12.21
C HIS A 263 -16.02 -24.23 -11.42
N GLY A 264 -15.97 -22.90 -11.50
CA GLY A 264 -16.90 -22.06 -10.79
C GLY A 264 -16.42 -21.66 -9.41
N LEU A 265 -17.20 -20.80 -8.78
CA LEU A 265 -16.83 -20.27 -7.46
C LEU A 265 -16.90 -21.34 -6.38
N GLU A 266 -17.85 -22.27 -6.49
CA GLU A 266 -18.05 -23.24 -5.41
C GLU A 266 -16.93 -24.28 -5.36
N ARG A 267 -16.32 -24.57 -6.51
CA ARG A 267 -15.18 -25.49 -6.56
C ARG A 267 -13.84 -24.81 -6.31
N LEU A 268 -13.82 -23.49 -6.19
CA LEU A 268 -12.55 -22.77 -6.05
C LEU A 268 -11.78 -23.16 -4.79
N PRO A 269 -12.38 -23.22 -3.59
CA PRO A 269 -11.57 -23.49 -2.39
C PRO A 269 -10.91 -24.86 -2.39
N GLU A 270 -11.37 -25.79 -3.22
CA GLU A 270 -10.77 -27.12 -3.28
C GLU A 270 -9.63 -27.23 -4.28
N HIS A 271 -9.45 -26.23 -5.14
CA HIS A 271 -8.34 -26.19 -6.08
C HIS A 271 -7.26 -25.20 -5.67
N CYS A 272 -7.64 -24.07 -5.09
CA CYS A 272 -6.70 -23.07 -4.59
C CYS A 272 -6.75 -23.08 -3.07
N LYS A 273 -5.65 -23.51 -2.45
CA LYS A 273 -5.60 -23.66 -1.00
C LYS A 273 -4.23 -23.19 -0.51
N LEU A 274 -4.21 -22.64 0.71
CA LEU A 274 -2.98 -22.15 1.31
C LEU A 274 -1.92 -23.24 1.39
N SER A 275 -0.88 -23.13 0.59
CA SER A 275 0.20 -24.10 0.53
C SER A 275 1.55 -23.39 0.64
N PRO A 276 2.57 -24.06 1.17
CA PRO A 276 3.90 -23.44 1.24
C PRO A 276 4.44 -23.11 -0.15
N GLY A 277 5.23 -22.05 -0.21
CA GLY A 277 5.76 -21.55 -1.46
C GLY A 277 4.88 -20.54 -2.16
N ILE A 278 3.60 -20.51 -1.83
CA ILE A 278 2.64 -19.54 -2.39
C ILE A 278 2.34 -18.52 -1.31
N PRO A 279 2.72 -17.25 -1.49
CA PRO A 279 2.50 -16.26 -0.43
C PRO A 279 1.01 -16.02 -0.20
N LEU A 280 0.71 -15.56 1.02
CA LEU A 280 -0.66 -15.27 1.42
C LEU A 280 -0.73 -13.88 2.05
N LYS A 281 -1.94 -13.33 2.08
CA LYS A 281 -2.13 -12.01 2.66
C LYS A 281 -1.97 -12.07 4.17
N PRO A 282 -1.25 -11.12 4.77
CA PRO A 282 -0.98 -11.17 6.20
C PRO A 282 -2.09 -10.52 7.04
N MET A 283 -2.08 -10.87 8.32
CA MET A 283 -2.99 -10.25 9.30
C MET A 283 -2.52 -8.84 9.62
N LEU A 284 -3.45 -7.88 9.50
CA LEU A 284 -3.14 -6.49 9.75
C LEU A 284 -3.65 -6.06 11.13
N ALA A 285 -3.26 -4.86 11.54
CA ALA A 285 -3.57 -4.33 12.86
C ALA A 285 -4.33 -3.02 12.75
N HIS A 286 -5.15 -2.75 13.76
CA HIS A 286 -5.91 -1.51 13.85
C HIS A 286 -5.28 -0.62 14.91
N PRO A 287 -5.06 0.66 14.61
CA PRO A 287 -4.45 1.55 15.61
C PRO A 287 -5.42 1.84 16.75
N THR A 288 -4.97 1.57 17.97
CA THR A 288 -5.76 1.83 19.16
C THR A 288 -5.19 3.03 19.91
N ARG A 289 -6.07 3.86 20.45
CA ARG A 289 -5.68 5.14 21.03
C ARG A 289 -5.44 5.05 22.53
N GLY A 290 -5.36 3.86 23.09
CA GLY A 290 -5.12 3.72 24.51
C GLY A 290 -5.53 2.34 24.99
N ILE A 291 -5.21 2.08 26.25
CA ILE A 291 -5.53 0.77 26.84
C ILE A 291 -7.03 0.58 26.92
N SER A 292 -7.76 1.60 27.40
CA SER A 292 -9.20 1.46 27.59
C SER A 292 -9.92 1.15 26.30
N GLU A 293 -9.45 1.69 25.16
CA GLU A 293 -10.05 1.35 23.89
C GLU A 293 -9.75 -0.10 23.49
N VAL A 294 -8.74 -0.71 24.10
CA VAL A 294 -8.44 -2.12 23.84
C VAL A 294 -9.46 -3.01 24.57
N LEU A 295 -9.88 -2.61 25.77
CA LEU A 295 -10.87 -3.39 26.49
C LEU A 295 -12.23 -3.33 25.81
N LYS A 296 -12.58 -2.19 25.21
CA LYS A 296 -13.68 -2.18 24.26
C LYS A 296 -13.25 -2.87 22.97
N ARG A 297 -14.21 -3.06 22.06
CA ARG A 297 -14.00 -3.76 20.80
C ARG A 297 -13.67 -5.24 21.03
N PHE A 298 -12.79 -5.53 22.00
CA PHE A 298 -12.54 -6.91 22.43
C PHE A 298 -13.53 -7.38 23.48
N GLU A 299 -13.93 -6.48 24.39
CA GLU A 299 -14.96 -6.73 25.40
C GLU A 299 -14.48 -7.89 26.29
N GLU A 300 -15.37 -8.83 26.65
CA GLU A 300 -15.02 -9.94 27.53
C GLU A 300 -14.42 -11.09 26.72
N ALA A 301 -13.22 -10.83 26.19
CA ALA A 301 -12.48 -11.81 25.41
C ALA A 301 -11.02 -11.77 25.83
N ALA A 302 -10.48 -12.93 26.21
CA ALA A 302 -9.09 -13.00 26.62
C ALA A 302 -8.18 -12.74 25.42
N PHE A 303 -7.09 -12.01 25.68
CA PHE A 303 -6.15 -11.65 24.63
C PHE A 303 -4.73 -11.74 25.17
N THR A 304 -3.76 -11.56 24.28
CA THR A 304 -2.35 -11.54 24.64
C THR A 304 -1.72 -10.25 24.14
N CYS A 305 -0.68 -9.81 24.85
CA CYS A 305 0.06 -8.60 24.52
C CYS A 305 1.50 -9.00 24.20
N GLU A 306 1.97 -8.63 23.01
CA GLU A 306 3.32 -8.97 22.57
C GLU A 306 4.06 -7.70 22.17
N TYR A 307 5.39 -7.78 22.25
CA TYR A 307 6.24 -6.67 21.81
C TYR A 307 6.05 -6.42 20.32
N LYS A 308 5.88 -5.15 19.97
CA LYS A 308 5.78 -4.74 18.57
C LYS A 308 7.19 -4.38 18.10
N TYR A 309 7.86 -5.33 17.47
CA TYR A 309 9.24 -5.14 17.05
C TYR A 309 9.30 -4.26 15.80
N ASP A 310 10.35 -3.45 15.72
CA ASP A 310 10.53 -2.48 14.65
C ASP A 310 11.54 -3.07 13.66
N GLY A 311 11.03 -3.81 12.69
CA GLY A 311 11.86 -4.40 11.63
C GLY A 311 11.08 -4.53 10.36
N GLN A 312 11.25 -5.68 9.69
CA GLN A 312 10.50 -6.00 8.48
C GLN A 312 9.84 -7.35 8.65
N ARG A 313 8.58 -7.44 8.21
CA ARG A 313 7.85 -8.70 8.31
C ARG A 313 8.45 -9.73 7.35
N ALA A 314 8.63 -10.95 7.85
CA ALA A 314 9.21 -12.04 7.06
C ALA A 314 8.26 -13.22 7.14
N GLN A 315 7.61 -13.54 6.03
CA GLN A 315 6.73 -14.71 5.95
C GLN A 315 7.57 -15.85 5.36
N ILE A 316 7.97 -16.79 6.22
CA ILE A 316 8.92 -17.83 5.86
C ILE A 316 8.16 -19.10 5.53
N HIS A 317 8.38 -19.63 4.33
CA HIS A 317 7.73 -20.85 3.86
C HIS A 317 8.76 -21.97 3.78
N ALA A 318 8.44 -23.10 4.42
CA ALA A 318 9.25 -24.32 4.31
C ALA A 318 8.45 -25.35 3.52
N LEU A 319 8.96 -25.72 2.36
CA LEU A 319 8.28 -26.68 1.51
C LEU A 319 8.51 -28.10 2.01
N GLU A 320 7.73 -29.04 1.47
CA GLU A 320 7.85 -30.43 1.90
C GLU A 320 9.16 -31.05 1.45
N GLY A 321 9.68 -30.64 0.28
CA GLY A 321 10.93 -31.18 -0.20
C GLY A 321 12.16 -30.58 0.44
N GLY A 322 12.02 -29.44 1.11
CA GLY A 322 13.12 -28.79 1.80
C GLY A 322 13.42 -27.38 1.33
N GLU A 323 12.83 -26.92 0.23
CA GLU A 323 13.09 -25.57 -0.25
C GLU A 323 12.51 -24.53 0.71
N VAL A 324 13.20 -23.40 0.81
CA VAL A 324 12.83 -22.32 1.72
C VAL A 324 12.56 -21.07 0.91
N LYS A 325 11.45 -20.40 1.20
CA LYS A 325 11.08 -19.16 0.54
C LYS A 325 10.60 -18.16 1.57
N ILE A 326 10.97 -16.89 1.37
CA ILE A 326 10.59 -15.80 2.27
C ILE A 326 9.88 -14.73 1.45
N PHE A 327 8.78 -14.22 1.99
CA PHE A 327 7.97 -13.22 1.31
C PHE A 327 7.74 -12.02 2.22
N SER A 328 7.70 -10.84 1.62
CA SER A 328 7.41 -9.61 2.35
C SER A 328 5.91 -9.51 2.65
N ARG A 329 5.53 -8.44 3.35
CA ARG A 329 4.12 -8.22 3.64
C ARG A 329 3.33 -7.83 2.39
N ASN A 330 4.01 -7.44 1.32
CA ASN A 330 3.38 -7.20 0.02
C ASN A 330 3.42 -8.42 -0.88
N GLN A 331 3.72 -9.60 -0.33
CA GLN A 331 3.87 -10.85 -1.08
C GLN A 331 5.01 -10.79 -2.08
N ALA A 332 5.96 -9.89 -1.88
CA ALA A 332 7.14 -9.83 -2.74
C ALA A 332 8.15 -10.90 -2.30
N ASP A 333 8.83 -11.49 -3.28
CA ASP A 333 9.80 -12.54 -3.01
C ASP A 333 11.05 -11.93 -2.38
N ASN A 334 11.31 -12.26 -1.12
CA ASN A 334 12.49 -11.81 -0.40
C ASN A 334 13.44 -12.96 -0.08
N THR A 335 13.36 -14.06 -0.84
CA THR A 335 14.21 -15.23 -0.56
C THR A 335 15.68 -14.89 -0.75
N GLY A 336 16.02 -14.27 -1.88
CA GLY A 336 17.41 -13.89 -2.13
C GLY A 336 17.92 -12.78 -1.24
N LYS A 337 17.07 -12.18 -0.41
CA LYS A 337 17.47 -11.10 0.48
C LYS A 337 18.04 -11.62 1.80
N TYR A 338 17.63 -12.82 2.23
CA TYR A 338 18.04 -13.39 3.52
C TYR A 338 18.72 -14.73 3.30
N PRO A 339 19.98 -14.74 2.85
CA PRO A 339 20.72 -16.00 2.82
C PRO A 339 21.04 -16.53 4.21
N ASP A 340 21.10 -15.67 5.22
CA ASP A 340 21.36 -16.12 6.58
C ASP A 340 20.18 -16.91 7.14
N ILE A 341 18.96 -16.47 6.84
CA ILE A 341 17.78 -17.14 7.36
C ILE A 341 17.66 -18.55 6.79
N ILE A 342 18.02 -18.72 5.52
CA ILE A 342 17.92 -20.03 4.88
C ILE A 342 18.90 -21.01 5.52
N SER A 343 20.15 -20.58 5.71
CA SER A 343 21.16 -21.44 6.33
C SER A 343 20.91 -21.68 7.81
N ARG A 344 20.02 -20.90 8.43
CA ARG A 344 19.73 -21.01 9.85
C ARG A 344 18.48 -21.83 10.15
N ILE A 345 17.63 -22.04 9.14
CA ILE A 345 16.38 -22.78 9.26
C ILE A 345 16.58 -24.14 9.93
N PRO A 346 17.66 -24.89 9.66
CA PRO A 346 17.86 -26.15 10.40
C PRO A 346 17.80 -26.00 11.92
N LYS A 347 18.29 -24.90 12.48
CA LYS A 347 18.42 -24.75 13.92
C LYS A 347 17.15 -24.20 14.60
N ILE A 348 16.10 -23.91 13.85
CA ILE A 348 14.91 -23.30 14.43
C ILE A 348 13.77 -24.28 14.66
N LYS A 349 13.79 -25.45 14.01
CA LYS A 349 12.72 -26.42 14.16
C LYS A 349 13.31 -27.77 14.57
N LEU A 350 12.43 -28.65 15.03
CA LEU A 350 12.86 -29.98 15.45
C LEU A 350 12.72 -30.97 14.30
N PRO A 351 13.45 -32.10 14.33
CA PRO A 351 13.41 -33.01 13.16
C PRO A 351 12.02 -33.42 12.70
N SER A 352 11.03 -33.51 13.59
CA SER A 352 9.73 -34.01 13.16
C SER A 352 8.86 -32.88 12.64
N VAL A 353 9.48 -31.89 11.99
CA VAL A 353 8.77 -30.81 11.30
C VAL A 353 9.13 -30.92 9.83
N THR A 354 8.12 -31.06 8.97
CA THR A 354 8.32 -31.27 7.55
C THR A 354 8.04 -30.03 6.70
N SER A 355 7.03 -29.25 7.06
CA SER A 355 6.68 -28.05 6.31
C SER A 355 5.97 -27.08 7.24
N PHE A 356 6.14 -25.79 6.97
CA PHE A 356 5.52 -24.77 7.81
C PHE A 356 5.37 -23.47 7.04
N ILE A 357 4.65 -22.53 7.66
CA ILE A 357 4.65 -21.12 7.28
C ILE A 357 4.60 -20.29 8.56
N LEU A 358 5.68 -19.58 8.86
CA LEU A 358 5.72 -18.72 10.04
C LEU A 358 5.49 -17.26 9.67
N ASP A 359 4.94 -16.52 10.63
CA ASP A 359 4.76 -15.07 10.53
C ASP A 359 5.70 -14.45 11.56
N THR A 360 6.85 -13.96 11.08
CA THR A 360 7.89 -13.42 11.94
C THR A 360 8.20 -11.97 11.55
N GLU A 361 9.07 -11.34 12.34
CA GLU A 361 9.55 -10.00 12.08
C GLU A 361 11.07 -10.03 12.07
N ALA A 362 11.66 -9.76 10.91
CA ALA A 362 13.11 -9.71 10.79
C ALA A 362 13.60 -8.39 11.35
N VAL A 363 14.37 -8.46 12.44
CA VAL A 363 14.86 -7.28 13.15
C VAL A 363 16.38 -7.25 13.04
N ALA A 364 16.93 -6.08 12.73
CA ALA A 364 18.37 -5.91 12.70
C ALA A 364 18.98 -6.19 14.06
N TRP A 365 19.82 -7.21 14.13
CA TRP A 365 20.43 -7.64 15.38
C TRP A 365 21.94 -7.48 15.31
N ASP A 366 22.54 -7.14 16.44
CA ASP A 366 23.99 -7.08 16.56
C ASP A 366 24.44 -8.17 17.53
N ARG A 367 25.49 -8.89 17.14
CA ARG A 367 26.05 -9.95 17.98
C ARG A 367 27.15 -9.45 18.90
N GLU A 368 27.70 -8.26 18.64
CA GLU A 368 28.80 -7.75 19.46
C GLU A 368 28.32 -7.28 20.83
N LYS A 369 27.20 -6.58 20.90
CA LYS A 369 26.63 -6.12 22.17
C LYS A 369 25.31 -6.79 22.50
N LYS A 370 24.81 -7.67 21.63
CA LYS A 370 23.57 -8.43 21.89
C LYS A 370 22.38 -7.51 22.11
N GLN A 371 22.17 -6.58 21.17
CA GLN A 371 21.10 -5.60 21.28
C GLN A 371 20.39 -5.47 19.94
N ILE A 372 19.13 -5.04 20.02
CA ILE A 372 18.33 -4.78 18.82
C ILE A 372 18.76 -3.45 18.21
N GLN A 373 18.97 -3.44 16.89
CA GLN A 373 19.35 -2.24 16.17
C GLN A 373 18.12 -1.60 15.51
N PRO A 374 18.13 -0.29 15.32
CA PRO A 374 16.93 0.39 14.80
C PRO A 374 16.64 0.01 13.36
N PHE A 375 15.47 0.46 12.89
CA PHE A 375 14.99 0.11 11.56
C PHE A 375 15.90 0.67 10.47
N GLN A 376 16.51 1.83 10.70
CA GLN A 376 17.38 2.43 9.68
C GLN A 376 18.59 1.54 9.39
N VAL A 377 19.09 0.82 10.40
CA VAL A 377 20.21 -0.09 10.17
C VAL A 377 19.77 -1.29 9.34
N LEU A 378 18.53 -1.75 9.56
CA LEU A 378 18.03 -2.90 8.82
C LEU A 378 17.90 -2.60 7.33
N THR A 379 17.50 -1.37 6.99
CA THR A 379 17.28 -1.01 5.59
C THR A 379 18.58 -0.87 4.79
N THR A 380 19.74 -0.94 5.44
CA THR A 380 21.01 -0.90 4.73
C THR A 380 21.42 -2.24 4.16
N ARG A 381 20.64 -3.29 4.39
CA ARG A 381 20.93 -4.60 3.81
C ARG A 381 20.61 -4.59 2.33
N LYS A 382 21.37 -5.38 1.57
CA LYS A 382 21.15 -5.50 0.14
C LYS A 382 19.81 -6.20 -0.12
N ARG A 383 19.31 -6.03 -1.35
CA ARG A 383 17.97 -6.53 -1.70
C ARG A 383 17.99 -7.77 -2.58
N LYS A 384 19.05 -7.99 -3.37
CA LYS A 384 19.09 -9.13 -4.26
C LYS A 384 20.53 -9.55 -4.49
N GLU A 385 20.70 -10.78 -4.98
CA GLU A 385 22.01 -11.36 -5.29
C GLU A 385 22.94 -11.32 -4.08
N VAL A 386 22.38 -11.46 -2.88
CA VAL A 386 23.16 -11.33 -1.65
C VAL A 386 23.96 -12.60 -1.44
N ASP A 387 25.27 -12.45 -1.31
CA ASP A 387 26.13 -13.56 -0.92
C ASP A 387 26.14 -13.69 0.60
N ALA A 388 26.11 -14.94 1.08
CA ALA A 388 25.95 -15.18 2.51
C ALA A 388 27.10 -14.60 3.32
N SER A 389 28.32 -14.67 2.78
CA SER A 389 29.49 -14.17 3.50
C SER A 389 29.60 -12.65 3.46
N GLU A 390 28.87 -11.99 2.58
CA GLU A 390 28.92 -10.53 2.45
C GLU A 390 27.88 -9.82 3.31
N ILE A 391 27.08 -10.55 4.09
CA ILE A 391 26.07 -9.93 4.93
C ILE A 391 26.77 -9.19 6.07
N GLN A 392 26.50 -7.89 6.17
CA GLN A 392 27.14 -7.06 7.19
C GLN A 392 26.19 -6.63 8.30
N VAL A 393 24.88 -6.76 8.11
CA VAL A 393 23.88 -6.41 9.13
C VAL A 393 23.15 -7.70 9.47
N GLN A 394 23.47 -8.27 10.64
CA GLN A 394 22.83 -9.50 11.07
C GLN A 394 21.37 -9.25 11.39
N VAL A 395 20.57 -10.32 11.32
CA VAL A 395 19.13 -10.26 11.49
C VAL A 395 18.71 -11.31 12.50
N CYS A 396 17.91 -10.91 13.49
CA CYS A 396 17.29 -11.84 14.43
C CYS A 396 15.80 -11.91 14.14
N LEU A 397 15.25 -13.12 14.19
CA LEU A 397 13.85 -13.36 13.88
C LEU A 397 13.01 -13.38 15.14
N TYR A 398 11.81 -12.82 15.06
CA TYR A 398 10.86 -12.79 16.18
C TYR A 398 9.53 -13.33 15.66
N ALA A 399 9.32 -14.64 15.81
CA ALA A 399 8.11 -15.28 15.34
C ALA A 399 6.95 -15.00 16.29
N PHE A 400 5.77 -14.76 15.72
CA PHE A 400 4.59 -14.48 16.51
C PHE A 400 3.34 -15.22 16.04
N ASP A 401 3.43 -16.00 14.97
CA ASP A 401 2.27 -16.74 14.50
C ASP A 401 2.72 -17.91 13.64
N LEU A 402 1.88 -18.94 13.56
CA LEU A 402 2.11 -20.11 12.73
C LEU A 402 0.86 -20.37 11.91
N ILE A 403 1.00 -20.37 10.59
CA ILE A 403 -0.13 -20.53 9.69
C ILE A 403 -0.21 -21.95 9.13
N TYR A 404 0.95 -22.57 8.89
CA TYR A 404 1.03 -23.90 8.31
C TYR A 404 1.98 -24.75 9.14
N LEU A 405 1.68 -26.05 9.21
CA LEU A 405 2.53 -26.96 9.98
C LEU A 405 2.28 -28.39 9.50
N ASN A 406 3.26 -28.96 8.80
CA ASN A 406 3.26 -30.38 8.44
C ASN A 406 2.03 -30.76 7.62
N GLY A 407 1.81 -30.03 6.53
CA GLY A 407 0.79 -30.40 5.57
C GLY A 407 -0.62 -29.94 5.87
N GLU A 408 -0.86 -29.30 7.01
CA GLU A 408 -2.19 -28.81 7.36
C GLU A 408 -2.15 -27.32 7.64
N SER A 409 -3.19 -26.61 7.21
CA SER A 409 -3.31 -25.18 7.41
C SER A 409 -4.07 -24.90 8.70
N LEU A 410 -3.51 -24.02 9.53
CA LEU A 410 -4.12 -23.64 10.80
C LEU A 410 -4.84 -22.31 10.71
N VAL A 411 -5.35 -21.95 9.51
CA VAL A 411 -5.98 -20.65 9.33
C VAL A 411 -7.25 -20.55 10.17
N ARG A 412 -8.02 -21.63 10.24
CA ARG A 412 -9.28 -21.63 10.97
C ARG A 412 -9.11 -22.02 12.44
N GLU A 413 -7.89 -21.99 12.96
CA GLU A 413 -7.62 -22.32 14.34
C GLU A 413 -7.44 -21.06 15.18
N PRO A 414 -7.85 -21.08 16.44
CA PRO A 414 -7.62 -19.93 17.31
C PRO A 414 -6.13 -19.70 17.54
N LEU A 415 -5.80 -18.45 17.92
CA LEU A 415 -4.42 -18.12 18.21
C LEU A 415 -3.86 -18.96 19.34
N SER A 416 -4.72 -19.33 20.31
CA SER A 416 -4.29 -20.22 21.39
C SER A 416 -3.69 -21.51 20.85
N ARG A 417 -4.34 -22.10 19.84
CA ARG A 417 -3.83 -23.32 19.24
C ARG A 417 -2.58 -23.04 18.42
N ARG A 418 -2.65 -22.06 17.53
CA ARG A 418 -1.51 -21.75 16.65
C ARG A 418 -0.28 -21.39 17.46
N ARG A 419 -0.46 -20.64 18.55
CA ARG A 419 0.67 -20.28 19.40
C ARG A 419 1.22 -21.51 20.12
N GLN A 420 0.34 -22.40 20.60
CA GLN A 420 0.79 -23.58 21.31
C GLN A 420 1.59 -24.50 20.40
N LEU A 421 1.18 -24.65 19.14
CA LEU A 421 1.96 -25.43 18.19
C LEU A 421 3.28 -24.74 17.86
N LEU A 422 3.33 -23.42 17.97
CA LEU A 422 4.57 -22.70 17.68
C LEU A 422 5.63 -23.00 18.73
N ARG A 423 5.26 -22.99 20.01
CA ARG A 423 6.25 -23.25 21.05
C ARG A 423 6.61 -24.72 21.15
N GLU A 424 5.75 -25.62 20.68
CA GLU A 424 6.04 -27.05 20.80
C GLU A 424 7.03 -27.52 19.74
N ASN A 425 6.82 -27.11 18.49
CA ASN A 425 7.58 -27.63 17.36
C ASN A 425 8.72 -26.73 16.92
N PHE A 426 9.06 -25.70 17.70
CA PHE A 426 10.14 -24.80 17.33
C PHE A 426 10.97 -24.46 18.56
N VAL A 427 12.29 -24.36 18.37
CA VAL A 427 13.23 -24.08 19.44
C VAL A 427 13.73 -22.66 19.30
N GLU A 428 14.05 -22.04 20.44
CA GLU A 428 14.52 -20.67 20.48
C GLU A 428 16.04 -20.64 20.53
N THR A 429 16.63 -19.76 19.71
CA THR A 429 18.07 -19.51 19.72
C THR A 429 18.27 -18.01 19.81
N GLU A 430 18.84 -17.54 20.92
CA GLU A 430 18.96 -16.11 21.16
C GLU A 430 19.84 -15.45 20.10
N GLY A 431 19.46 -14.22 19.72
CA GLY A 431 20.14 -13.50 18.67
C GLY A 431 19.86 -14.00 17.26
N GLU A 432 19.02 -15.03 17.11
CA GLU A 432 18.75 -15.63 15.81
C GLU A 432 17.26 -15.87 15.62
N PHE A 433 16.69 -16.72 16.47
CA PHE A 433 15.28 -17.09 16.39
C PHE A 433 14.72 -17.12 17.81
N VAL A 434 13.83 -16.18 18.12
CA VAL A 434 13.23 -16.08 19.44
C VAL A 434 11.76 -15.78 19.28
N PHE A 435 10.97 -16.22 20.27
CA PHE A 435 9.54 -15.95 20.25
C PHE A 435 9.27 -14.53 20.73
N ALA A 436 8.21 -13.93 20.18
CA ALA A 436 7.85 -12.56 20.55
C ALA A 436 7.51 -12.49 22.03
N THR A 437 8.16 -11.54 22.73
CA THR A 437 7.93 -11.35 24.16
C THR A 437 6.46 -11.08 24.43
N SER A 438 5.78 -12.02 25.06
CA SER A 438 4.33 -11.99 25.21
C SER A 438 3.95 -11.88 26.69
N LEU A 439 2.66 -11.63 26.91
CA LEU A 439 2.09 -11.52 28.25
C LEU A 439 0.57 -11.58 28.16
N ASP A 440 -0.04 -12.51 28.88
CA ASP A 440 -1.49 -12.71 28.85
C ASP A 440 -2.06 -12.35 30.21
N THR A 441 -2.74 -11.20 30.28
CA THR A 441 -3.39 -10.77 31.51
C THR A 441 -4.41 -9.68 31.18
N LYS A 442 -5.18 -9.30 32.20
CA LYS A 442 -6.17 -8.24 32.07
C LYS A 442 -5.81 -6.97 32.83
N ASP A 443 -4.98 -7.08 33.88
CA ASP A 443 -4.63 -5.94 34.72
C ASP A 443 -4.10 -4.78 33.91
N ILE A 444 -4.77 -3.63 34.05
CA ILE A 444 -4.37 -2.44 33.30
C ILE A 444 -3.01 -1.95 33.77
N GLU A 445 -2.77 -2.00 35.09
CA GLU A 445 -1.46 -1.61 35.61
C GLU A 445 -0.36 -2.50 35.08
N GLN A 446 -0.66 -3.79 34.86
CA GLN A 446 0.33 -4.69 34.28
C GLN A 446 0.55 -4.39 32.80
N ILE A 447 -0.53 -4.13 32.07
CA ILE A 447 -0.42 -3.85 30.63
C ILE A 447 0.34 -2.54 30.41
N ALA A 448 0.05 -1.52 31.22
CA ALA A 448 0.73 -0.25 31.08
C ALA A 448 2.24 -0.39 31.29
N GLU A 449 2.65 -1.23 32.25
CA GLU A 449 4.07 -1.47 32.46
C GLU A 449 4.69 -2.22 31.28
N PHE A 450 3.94 -3.18 30.71
CA PHE A 450 4.43 -3.89 29.53
C PHE A 450 4.66 -2.94 28.36
N LEU A 451 3.84 -1.90 28.24
CA LEU A 451 4.05 -0.90 27.20
C LEU A 451 5.33 -0.12 27.44
N GLU A 452 5.61 0.23 28.69
CA GLU A 452 6.85 0.94 29.00
C GLU A 452 8.06 0.03 28.79
N GLN A 453 7.94 -1.24 29.17
CA GLN A 453 9.06 -2.17 29.02
C GLN A 453 9.40 -2.41 27.56
N SER A 454 8.38 -2.45 26.69
CA SER A 454 8.64 -2.67 25.27
C SER A 454 9.44 -1.50 24.68
N VAL A 455 9.07 -0.27 25.03
CA VAL A 455 9.83 0.89 24.54
C VAL A 455 11.23 0.89 25.12
N LYS A 456 11.39 0.47 26.37
CA LYS A 456 12.71 0.33 26.96
C LYS A 456 13.52 -0.79 26.30
N ASP A 457 12.84 -1.77 25.71
CA ASP A 457 13.50 -2.89 25.04
C ASP A 457 13.56 -2.72 23.53
N SER A 458 13.62 -1.47 23.06
CA SER A 458 13.77 -1.14 21.63
C SER A 458 12.63 -1.72 20.80
N CYS A 459 11.41 -1.27 21.13
CA CYS A 459 10.22 -1.67 20.41
C CYS A 459 9.27 -0.49 20.30
N GLU A 460 8.44 -0.49 19.26
CA GLU A 460 7.51 0.61 19.04
C GLU A 460 6.40 0.63 20.08
N GLY A 461 5.90 -0.55 20.46
CA GLY A 461 4.82 -0.62 21.41
C GLY A 461 4.36 -2.04 21.67
N LEU A 462 3.05 -2.27 21.62
CA LEU A 462 2.48 -3.58 21.90
C LEU A 462 1.50 -3.96 20.81
N MET A 463 1.40 -5.26 20.55
CA MET A 463 0.38 -5.83 19.69
C MET A 463 -0.60 -6.62 20.54
N VAL A 464 -1.88 -6.32 20.38
CA VAL A 464 -2.94 -6.96 21.16
C VAL A 464 -3.77 -7.84 20.22
N LYS A 465 -3.84 -9.12 20.54
CA LYS A 465 -4.56 -10.09 19.72
C LYS A 465 -5.34 -11.04 20.62
N THR A 466 -6.59 -11.30 20.26
CA THR A 466 -7.41 -12.24 21.03
C THR A 466 -6.85 -13.65 20.92
N LEU A 467 -7.23 -14.50 21.87
CA LEU A 467 -6.74 -15.86 21.94
C LEU A 467 -7.75 -16.89 21.49
N ASP A 468 -9.04 -16.68 21.76
CA ASP A 468 -10.06 -17.66 21.41
C ASP A 468 -11.31 -17.07 20.76
N VAL A 469 -11.65 -15.81 21.01
CA VAL A 469 -12.83 -15.19 20.43
C VAL A 469 -12.37 -14.39 19.22
N ASP A 470 -12.80 -14.80 18.04
CA ASP A 470 -12.41 -14.17 16.77
C ASP A 470 -10.89 -14.06 16.68
N ALA A 471 -10.22 -15.19 16.91
CA ALA A 471 -8.76 -15.25 16.93
C ALA A 471 -8.21 -16.16 15.84
N THR A 472 -8.91 -16.24 14.70
CA THR A 472 -8.45 -17.04 13.57
C THR A 472 -7.58 -16.19 12.64
N TYR A 473 -7.07 -16.82 11.59
CA TYR A 473 -6.25 -16.15 10.58
C TYR A 473 -7.01 -15.99 9.26
N GLU A 474 -8.33 -15.83 9.34
CA GLU A 474 -9.15 -15.65 8.15
C GLU A 474 -9.26 -14.15 7.86
N ILE A 475 -8.42 -13.68 6.94
CA ILE A 475 -8.36 -12.25 6.61
C ILE A 475 -9.71 -11.77 6.08
N ALA A 476 -10.38 -12.63 5.30
CA ALA A 476 -11.61 -12.21 4.62
C ALA A 476 -12.71 -11.84 5.61
N LYS A 477 -12.68 -12.39 6.82
CA LYS A 477 -13.68 -12.01 7.82
C LYS A 477 -13.38 -10.62 8.37
N ARG A 478 -12.13 -10.37 8.76
CA ARG A 478 -11.70 -9.03 9.16
C ARG A 478 -10.21 -8.92 8.92
N SER A 479 -9.81 -7.97 8.07
CA SER A 479 -8.40 -7.81 7.74
C SER A 479 -7.59 -7.30 8.93
N HIS A 480 -8.21 -6.47 9.78
CA HIS A 480 -7.51 -5.90 10.92
C HIS A 480 -8.01 -6.49 12.23
N ASN A 481 -7.82 -7.80 12.41
CA ASN A 481 -8.27 -8.45 13.63
C ASN A 481 -7.39 -8.11 14.83
N TRP A 482 -6.16 -7.69 14.60
CA TRP A 482 -5.24 -7.35 15.69
C TRP A 482 -5.30 -5.86 15.99
N LEU A 483 -4.76 -5.50 17.15
CA LEU A 483 -4.68 -4.11 17.59
C LEU A 483 -3.23 -3.75 17.88
N LYS A 484 -2.83 -2.54 17.51
CA LYS A 484 -1.49 -2.03 17.78
C LYS A 484 -1.62 -0.86 18.76
N LEU A 485 -0.90 -0.96 19.87
CA LEU A 485 -0.88 0.08 20.91
C LEU A 485 0.51 0.69 20.92
N LYS A 486 0.69 1.76 20.15
CA LYS A 486 1.93 2.52 20.16
C LYS A 486 1.80 3.70 21.11
N LYS A 487 2.94 4.09 21.71
CA LYS A 487 2.92 5.19 22.66
C LYS A 487 2.48 6.49 22.00
N ASP A 488 3.01 6.78 20.81
CA ASP A 488 2.69 8.03 20.11
C ASP A 488 1.22 8.15 19.71
N TYR A 489 0.39 7.13 19.99
CA TYR A 489 -1.05 7.23 19.75
C TYR A 489 -1.76 7.97 20.87
N LEU A 490 -1.16 8.05 22.06
CA LEU A 490 -1.80 8.63 23.22
C LEU A 490 -1.88 10.15 23.08
N ASP A 491 -2.51 10.79 24.06
CA ASP A 491 -2.70 12.23 24.05
C ASP A 491 -1.57 12.98 24.75
N GLY A 492 -0.91 12.35 25.71
CA GLY A 492 0.18 12.99 26.42
C GLY A 492 1.51 12.30 26.22
N VAL A 493 1.88 12.06 24.96
CA VAL A 493 3.12 11.37 24.66
C VAL A 493 4.31 12.30 24.89
N GLY A 494 4.20 13.56 24.48
CA GLY A 494 5.24 14.54 24.66
C GLY A 494 6.11 14.79 23.44
N ASP A 495 6.09 13.89 22.46
CA ASP A 495 6.93 14.05 21.28
C ASP A 495 6.27 14.97 20.26
N THR A 496 5.75 16.10 20.72
CA THR A 496 5.20 17.13 19.85
C THR A 496 6.26 18.19 19.59
N LEU A 497 6.26 18.72 18.37
CA LEU A 497 7.24 19.72 17.94
C LEU A 497 6.52 20.91 17.34
N ASP A 498 6.98 22.10 17.69
CA ASP A 498 6.47 23.35 17.12
C ASP A 498 7.43 23.79 16.02
N LEU A 499 6.99 23.66 14.77
CA LEU A 499 7.84 23.91 13.62
C LEU A 499 7.25 25.03 12.76
N VAL A 500 8.11 25.64 11.94
CA VAL A 500 7.75 26.76 11.10
C VAL A 500 7.51 26.28 9.68
N VAL A 501 6.41 26.73 9.08
CA VAL A 501 6.12 26.39 7.69
C VAL A 501 6.87 27.34 6.78
N ILE A 502 7.77 26.78 5.96
CA ILE A 502 8.61 27.58 5.08
C ILE A 502 8.33 27.31 3.61
N GLY A 503 7.44 26.38 3.29
CA GLY A 503 7.13 26.08 1.90
C GLY A 503 5.86 25.28 1.77
N ALA A 504 5.31 25.27 0.56
CA ALA A 504 4.10 24.55 0.26
C ALA A 504 4.25 23.81 -1.07
N TYR A 505 3.50 22.73 -1.22
CA TYR A 505 3.52 21.90 -2.41
C TYR A 505 2.12 21.78 -2.98
N LEU A 506 2.03 21.86 -4.31
CA LEU A 506 0.74 21.76 -4.97
C LEU A 506 0.15 20.36 -4.80
N GLY A 507 -1.13 20.29 -4.45
CA GLY A 507 -1.77 19.02 -4.19
C GLY A 507 -2.18 18.30 -5.47
N ARG A 508 -2.35 16.98 -5.33
CA ARG A 508 -2.75 16.13 -6.44
C ARG A 508 -3.95 15.29 -6.03
N GLY A 509 -4.74 14.91 -7.02
CA GLY A 509 -5.90 14.06 -6.78
C GLY A 509 -6.93 14.69 -5.87
N LYS A 510 -7.12 14.11 -4.68
CA LYS A 510 -8.08 14.66 -3.72
C LYS A 510 -7.68 16.06 -3.27
N ARG A 511 -6.38 16.35 -3.26
CA ARG A 511 -5.87 17.65 -2.80
C ARG A 511 -5.60 18.60 -3.95
N ALA A 512 -6.12 18.31 -5.15
CA ALA A 512 -5.91 19.20 -6.29
C ALA A 512 -6.60 20.53 -6.06
N GLY A 513 -5.95 21.60 -6.50
CA GLY A 513 -6.48 22.94 -6.32
C GLY A 513 -5.84 23.68 -5.16
N ARG A 514 -5.55 22.97 -4.07
CA ARG A 514 -4.92 23.57 -2.90
C ARG A 514 -3.55 22.96 -2.66
N TYR A 515 -3.04 23.09 -1.44
CA TYR A 515 -1.74 22.54 -1.08
C TYR A 515 -1.91 21.12 -0.55
N GLY A 516 -1.04 20.22 -1.03
CA GLY A 516 -1.06 18.86 -0.56
C GLY A 516 -0.03 18.60 0.53
N GLY A 517 1.09 19.35 0.50
CA GLY A 517 2.14 19.18 1.47
C GLY A 517 2.77 20.51 1.82
N PHE A 518 3.59 20.48 2.88
CA PHE A 518 4.26 21.67 3.37
C PHE A 518 5.66 21.32 3.83
N LEU A 519 6.55 22.30 3.76
CA LEU A 519 7.92 22.16 4.25
C LEU A 519 8.01 22.79 5.63
N LEU A 520 8.56 22.04 6.58
CA LEU A 520 8.67 22.47 7.97
C LEU A 520 10.12 22.67 8.34
N ALA A 521 10.37 23.63 9.24
CA ALA A 521 11.72 24.01 9.61
C ALA A 521 11.82 24.25 11.10
N SER A 522 13.00 23.96 11.65
CA SER A 522 13.34 24.30 13.02
C SER A 522 14.32 25.45 13.03
N TYR A 523 14.39 26.15 14.16
CA TYR A 523 15.20 27.35 14.30
C TYR A 523 16.56 27.00 14.88
N ASP A 524 17.62 27.33 14.14
CA ASP A 524 18.99 27.21 14.63
C ASP A 524 19.43 28.58 15.14
N GLU A 525 19.59 28.69 16.46
CA GLU A 525 19.89 30.00 17.06
C GLU A 525 21.32 30.43 16.77
N ASP A 526 22.28 29.50 16.84
CA ASP A 526 23.68 29.87 16.66
C ASP A 526 23.96 30.31 15.22
N SER A 527 23.30 29.69 14.26
CA SER A 527 23.47 30.05 12.85
C SER A 527 22.46 31.08 12.37
N GLU A 528 21.47 31.42 13.20
CA GLU A 528 20.39 32.34 12.83
C GLU A 528 19.70 31.86 11.55
N GLU A 529 19.39 30.57 11.51
CA GLU A 529 18.86 29.93 10.31
C GLU A 529 17.61 29.14 10.64
N LEU A 530 16.73 29.03 9.64
CA LEU A 530 15.59 28.12 9.68
C LEU A 530 15.95 26.91 8.83
N GLN A 531 16.16 25.76 9.49
CA GLN A 531 16.63 24.56 8.83
C GLN A 531 15.45 23.60 8.62
N ALA A 532 15.21 23.24 7.36
CA ALA A 532 14.14 22.30 7.05
C ALA A 532 14.36 20.98 7.77
N ILE A 533 13.27 20.41 8.29
CA ILE A 533 13.38 19.22 9.13
C ILE A 533 12.60 18.05 8.51
N CYS A 534 11.49 18.35 7.84
CA CYS A 534 10.65 17.30 7.27
C CYS A 534 9.51 17.95 6.49
N LYS A 535 8.81 17.14 5.71
CA LYS A 535 7.59 17.53 5.03
C LYS A 535 6.38 17.02 5.79
N LEU A 536 5.24 17.68 5.58
CA LEU A 536 4.01 17.38 6.29
C LEU A 536 2.87 17.26 5.29
N GLY A 537 2.13 16.16 5.36
CA GLY A 537 1.08 15.92 4.39
C GLY A 537 -0.16 15.25 4.97
N THR A 538 -0.15 14.93 6.25
CA THR A 538 -1.29 14.28 6.89
C THR A 538 -1.55 14.93 8.24
N GLY A 539 -2.77 14.72 8.74
CA GLY A 539 -3.21 15.33 9.98
C GLY A 539 -4.17 16.49 9.81
N PHE A 540 -4.29 17.03 8.59
CA PHE A 540 -5.22 18.11 8.33
C PHE A 540 -6.58 17.57 7.97
N SER A 541 -7.63 18.22 8.47
CA SER A 541 -8.97 17.99 7.95
C SER A 541 -9.11 18.70 6.61
N ASP A 542 -10.18 18.35 5.89
CA ASP A 542 -10.43 19.01 4.61
C ASP A 542 -10.72 20.49 4.80
N GLU A 543 -11.43 20.85 5.87
CA GLU A 543 -11.69 22.25 6.17
C GLU A 543 -10.42 22.98 6.60
N GLU A 544 -9.58 22.32 7.41
CA GLU A 544 -8.34 22.93 7.85
C GLU A 544 -7.39 23.17 6.67
N LEU A 545 -7.33 22.22 5.74
CA LEU A 545 -6.47 22.39 4.57
C LEU A 545 -6.97 23.49 3.65
N GLU A 546 -8.27 23.81 3.68
CA GLU A 546 -8.76 24.96 2.95
C GLU A 546 -8.34 26.26 3.63
N GLU A 547 -8.38 26.28 4.97
CA GLU A 547 -7.94 27.46 5.70
C GLU A 547 -6.44 27.70 5.52
N HIS A 548 -5.65 26.62 5.53
CA HIS A 548 -4.21 26.76 5.34
C HIS A 548 -3.89 27.30 3.96
N HIS A 549 -4.58 26.79 2.93
CA HIS A 549 -4.31 27.23 1.57
C HIS A 549 -4.66 28.70 1.38
N GLN A 550 -5.72 29.16 2.04
CA GLN A 550 -6.13 30.56 1.92
C GLN A 550 -5.21 31.49 2.69
N SER A 551 -4.89 31.14 3.94
CA SER A 551 -4.10 32.03 4.78
C SER A 551 -2.64 32.05 4.33
N LEU A 552 -2.11 30.92 3.88
CA LEU A 552 -0.71 30.86 3.48
C LEU A 552 -0.48 31.39 2.07
N LYS A 553 -1.54 31.64 1.29
CA LYS A 553 -1.36 32.18 -0.04
C LYS A 553 -0.93 33.65 -0.03
N ALA A 554 -1.22 34.36 1.06
CA ALA A 554 -0.76 35.74 1.19
C ALA A 554 0.72 35.84 1.54
N LEU A 555 1.31 34.78 2.08
CA LEU A 555 2.71 34.76 2.45
C LEU A 555 3.62 34.23 1.35
N VAL A 556 3.08 33.97 0.16
CA VAL A 556 3.88 33.40 -0.92
C VAL A 556 4.94 34.39 -1.35
N LEU A 557 6.19 33.93 -1.40
CA LEU A 557 7.31 34.75 -1.81
C LEU A 557 7.90 34.23 -3.13
N PRO A 558 8.38 35.12 -3.99
CA PRO A 558 9.00 34.65 -5.23
C PRO A 558 10.32 33.93 -5.01
N SER A 559 11.07 34.30 -3.97
CA SER A 559 12.35 33.69 -3.64
C SER A 559 12.41 33.40 -2.16
N PRO A 560 13.18 32.39 -1.77
CA PRO A 560 13.28 32.06 -0.34
C PRO A 560 14.00 33.15 0.45
N ARG A 561 13.64 33.26 1.72
CA ARG A 561 14.31 34.21 2.59
C ARG A 561 15.77 33.79 2.79
N PRO A 562 16.67 34.75 2.99
CA PRO A 562 18.10 34.41 3.05
C PRO A 562 18.48 33.53 4.23
N TYR A 563 17.68 33.49 5.30
CA TYR A 563 18.00 32.71 6.47
C TYR A 563 17.32 31.33 6.47
N VAL A 564 16.77 30.91 5.33
CA VAL A 564 16.11 29.61 5.22
C VAL A 564 17.05 28.64 4.51
N ARG A 565 17.30 27.51 5.15
CA ARG A 565 18.21 26.48 4.63
C ARG A 565 17.44 25.18 4.48
N ILE A 566 17.35 24.68 3.25
CA ILE A 566 16.69 23.41 2.97
C ILE A 566 17.64 22.33 2.47
N ASP A 567 18.83 22.71 2.00
CA ASP A 567 19.85 21.77 1.54
C ASP A 567 19.33 20.81 0.48
N GLY A 568 19.13 19.54 0.84
CA GLY A 568 18.72 18.52 -0.09
C GLY A 568 17.24 18.24 -0.17
N ALA A 569 16.41 18.98 0.56
CA ALA A 569 14.98 18.74 0.53
C ALA A 569 14.38 19.16 -0.81
N VAL A 570 13.21 18.60 -1.11
CA VAL A 570 12.51 18.96 -2.34
C VAL A 570 12.15 20.43 -2.32
N ILE A 571 12.57 21.17 -3.34
CA ILE A 571 12.29 22.59 -3.44
C ILE A 571 10.78 22.80 -3.47
N PRO A 572 10.23 23.59 -2.55
CA PRO A 572 8.78 23.79 -2.54
C PRO A 572 8.30 24.53 -3.78
N ASP A 573 7.06 24.26 -4.16
CA ASP A 573 6.47 24.96 -5.29
C ASP A 573 6.24 26.43 -4.98
N HIS A 574 5.84 26.73 -3.74
CA HIS A 574 5.59 28.10 -3.29
C HIS A 574 6.42 28.36 -2.05
N TRP A 575 7.41 29.25 -2.17
CA TRP A 575 8.13 29.71 -1.00
C TRP A 575 7.21 30.57 -0.14
N LEU A 576 7.27 30.36 1.18
CA LEU A 576 6.38 31.02 2.11
C LEU A 576 7.16 31.90 3.07
N ASP A 577 6.58 33.03 3.42
CA ASP A 577 7.17 33.91 4.42
C ASP A 577 7.11 33.20 5.78
N PRO A 578 8.24 32.99 6.45
CA PRO A 578 8.21 32.28 7.74
C PRO A 578 7.39 33.02 8.79
N SER A 579 6.20 32.49 9.09
CA SER A 579 5.32 33.13 10.06
C SER A 579 4.48 32.08 10.79
N ALA A 580 3.92 31.12 10.05
CA ALA A 580 3.04 30.13 10.64
C ALA A 580 3.85 29.08 11.40
N VAL A 581 3.43 28.81 12.64
CA VAL A 581 4.03 27.78 13.48
C VAL A 581 2.97 26.74 13.78
N TRP A 582 3.28 25.47 13.52
CA TRP A 582 2.34 24.37 13.69
C TRP A 582 2.90 23.35 14.66
N GLU A 583 2.04 22.83 15.53
CA GLU A 583 2.40 21.71 16.38
C GLU A 583 2.35 20.42 15.56
N VAL A 584 3.41 19.62 15.64
CA VAL A 584 3.56 18.42 14.83
C VAL A 584 3.97 17.26 15.72
N LYS A 585 3.31 16.12 15.56
CA LYS A 585 3.63 14.91 16.28
C LYS A 585 4.32 13.93 15.36
N CYS A 586 5.25 13.15 15.93
CA CYS A 586 5.99 12.14 15.18
C CYS A 586 6.20 10.92 16.07
N ALA A 587 6.55 9.81 15.43
CA ALA A 587 6.83 8.57 16.16
C ALA A 587 8.28 8.49 16.61
N ASP A 588 9.22 8.85 15.74
CA ASP A 588 10.65 8.81 16.05
C ASP A 588 11.33 9.99 15.36
N LEU A 589 12.61 10.17 15.70
CA LEU A 589 13.48 11.12 15.03
C LEU A 589 14.60 10.34 14.35
N SER A 590 14.80 10.58 13.06
CA SER A 590 15.73 9.81 12.26
C SER A 590 16.90 10.67 11.80
N LEU A 591 18.07 10.03 11.66
CA LEU A 591 19.23 10.69 11.10
C LEU A 591 19.05 10.85 9.60
N SER A 592 18.97 12.11 9.14
CA SER A 592 18.54 12.29 7.77
C SER A 592 19.74 12.44 6.83
N PRO A 593 19.63 11.89 5.62
CA PRO A 593 20.65 12.11 4.59
C PRO A 593 20.46 13.35 3.74
N ILE A 594 19.35 14.09 3.91
CA ILE A 594 19.08 15.24 3.07
C ILE A 594 18.71 16.47 3.92
N TYR A 595 18.10 16.23 5.08
CA TYR A 595 17.57 17.37 5.84
C TYR A 595 18.65 17.98 6.70
N PRO A 596 18.84 19.30 6.66
CA PRO A 596 19.92 19.96 7.41
C PRO A 596 19.59 20.30 8.86
N ALA A 597 18.40 19.94 9.35
CA ALA A 597 18.00 20.30 10.70
C ALA A 597 18.92 19.64 11.72
N ALA A 598 19.52 20.46 12.59
CA ALA A 598 20.40 19.99 13.67
C ALA A 598 21.61 19.24 13.13
N ARG A 599 22.09 19.62 11.95
CA ARG A 599 23.28 18.99 11.40
C ARG A 599 24.52 19.45 12.16
N GLY A 600 25.33 18.50 12.60
CA GLY A 600 26.54 18.79 13.35
C GLY A 600 26.40 18.61 14.86
N LEU A 601 25.19 18.40 15.36
CA LEU A 601 24.98 18.25 16.80
C LEU A 601 24.87 16.80 17.24
N VAL A 602 24.63 15.86 16.32
CA VAL A 602 24.59 14.44 16.66
C VAL A 602 25.46 13.67 15.69
N ASP A 603 25.48 14.11 14.44
CA ASP A 603 26.31 13.51 13.40
C ASP A 603 27.04 14.62 12.64
N SER A 604 28.26 14.31 12.18
CA SER A 604 29.10 15.33 11.55
C SER A 604 28.52 15.78 10.22
N ASP A 605 28.00 14.86 9.41
CA ASP A 605 27.56 15.16 8.06
C ASP A 605 26.08 14.88 7.84
N LYS A 606 25.30 14.70 8.90
CA LYS A 606 23.91 14.29 8.74
C LYS A 606 23.03 15.06 9.71
N GLY A 607 21.84 15.45 9.23
CA GLY A 607 20.86 16.12 10.04
C GLY A 607 19.82 15.16 10.59
N ILE A 608 18.72 15.73 11.10
CA ILE A 608 17.66 14.97 11.74
C ILE A 608 16.34 15.28 11.04
N SER A 609 15.56 14.23 10.80
CA SER A 609 14.20 14.34 10.27
C SER A 609 13.23 13.65 11.23
N LEU A 610 11.96 13.62 10.84
CA LEU A 610 10.89 13.08 11.67
C LEU A 610 10.29 11.83 11.03
N ARG A 611 10.07 10.81 11.84
CA ARG A 611 9.44 9.57 11.37
C ARG A 611 7.93 9.67 11.60
N PHE A 612 7.16 9.49 10.52
CA PHE A 612 5.70 9.56 10.52
C PHE A 612 5.21 10.90 11.06
N PRO A 613 5.50 12.02 10.41
CA PRO A 613 5.02 13.31 10.92
C PRO A 613 3.56 13.55 10.56
N ARG A 614 2.84 14.19 11.47
CA ARG A 614 1.44 14.50 11.24
C ARG A 614 1.09 15.82 11.91
N PHE A 615 0.13 16.53 11.33
CA PHE A 615 -0.29 17.82 11.83
C PHE A 615 -1.25 17.66 13.00
N ILE A 616 -1.11 18.54 14.00
CA ILE A 616 -1.97 18.50 15.18
C ILE A 616 -2.85 19.75 15.20
N ARG A 617 -2.23 20.92 15.41
CA ARG A 617 -2.97 22.17 15.46
C ARG A 617 -2.02 23.32 15.16
N VAL A 618 -2.59 24.48 14.92
CA VAL A 618 -1.82 25.70 14.72
C VAL A 618 -1.47 26.31 16.07
N ARG A 619 -0.27 26.87 16.17
CA ARG A 619 0.18 27.55 17.38
C ARG A 619 0.11 29.05 17.11
N GLU A 620 -1.04 29.65 17.42
CA GLU A 620 -1.22 31.08 17.16
C GLU A 620 -0.39 31.93 18.10
N ASP A 621 -0.29 31.52 19.37
CA ASP A 621 0.48 32.28 20.35
C ASP A 621 1.98 32.25 20.08
N LYS A 622 2.45 31.34 19.21
CA LYS A 622 3.87 31.19 18.95
C LYS A 622 4.27 31.92 17.67
N GLN A 623 5.50 32.40 17.65
CA GLN A 623 6.12 33.04 16.51
C GLN A 623 7.31 32.20 16.05
N PRO A 624 7.80 32.43 14.82
CA PRO A 624 8.91 31.59 14.32
C PRO A 624 10.11 31.50 15.25
N GLU A 625 10.42 32.54 16.01
CA GLU A 625 11.53 32.46 16.95
C GLU A 625 11.19 31.65 18.20
N GLN A 626 9.91 31.48 18.51
CA GLN A 626 9.48 30.67 19.64
C GLN A 626 9.30 29.20 19.29
N ALA A 627 9.64 28.80 18.07
CA ALA A 627 9.46 27.43 17.65
C ALA A 627 10.56 26.54 18.25
N THR A 628 10.43 25.24 18.02
CA THR A 628 11.42 24.29 18.51
C THR A 628 12.77 24.55 17.84
N THR A 629 13.82 24.58 18.65
CA THR A 629 15.15 24.84 18.15
C THR A 629 15.84 23.54 17.73
N SER A 630 16.86 23.68 16.89
CA SER A 630 17.65 22.51 16.48
C SER A 630 18.40 21.90 17.66
N ALA A 631 18.66 22.67 18.72
CA ALA A 631 19.26 22.10 19.92
C ALA A 631 18.28 21.17 20.62
N GLN A 632 17.02 21.56 20.71
CA GLN A 632 16.01 20.68 21.30
C GLN A 632 15.82 19.43 20.45
N VAL A 633 15.89 19.57 19.13
CA VAL A 633 15.74 18.42 18.24
C VAL A 633 16.89 17.44 18.44
N ALA A 634 18.11 17.96 18.61
CA ALA A 634 19.26 17.08 18.85
C ALA A 634 19.15 16.40 20.20
N CYS A 635 18.67 17.12 21.22
CA CYS A 635 18.48 16.51 22.54
C CYS A 635 17.39 15.45 22.51
N LEU A 636 16.34 15.69 21.72
CA LEU A 636 15.27 14.70 21.59
C LEU A 636 15.78 13.43 20.92
N TYR A 637 16.62 13.57 19.89
CA TYR A 637 17.16 12.40 19.22
C TYR A 637 18.07 11.60 20.13
N ARG A 638 18.83 12.28 20.98
CA ARG A 638 19.73 11.57 21.90
C ARG A 638 18.97 10.83 22.98
N LYS A 639 17.80 11.34 23.38
CA LYS A 639 17.02 10.73 24.45
C LYS A 639 16.23 9.51 23.99
N GLN A 640 16.22 9.20 22.70
CA GLN A 640 15.51 8.02 22.22
C GLN A 640 16.14 6.76 22.77
N SER A 641 15.31 5.87 23.33
CA SER A 641 15.82 4.70 24.02
C SER A 641 16.67 3.82 23.10
N GLN A 642 16.26 3.70 21.82
CA GLN A 642 17.08 2.96 20.87
C GLN A 642 18.42 3.64 20.64
N ILE A 643 18.44 4.97 20.67
CA ILE A 643 19.72 5.69 20.58
C ILE A 643 20.49 5.56 21.89
N GLN A 644 19.79 5.55 23.03
CA GLN A 644 20.44 5.35 24.31
C GLN A 644 20.98 3.95 24.49
N ASN A 645 20.44 2.97 23.75
CA ASN A 645 20.89 1.59 23.83
C ASN A 645 22.22 1.34 23.11
N GLN A 646 22.99 2.38 22.82
CA GLN A 646 24.27 2.24 22.16
C GLN A 646 25.34 3.07 22.85
P AMP E . 2.10 -1.59 11.52
O1P AMP E . 0.77 -1.78 10.84
O2P AMP E . 2.17 -0.40 12.44
O3P AMP E . 3.30 -1.73 10.61
O5' AMP E . 2.20 -2.85 12.49
C5' AMP E . 2.02 -4.18 11.99
C4' AMP E . 3.34 -4.83 11.69
O4' AMP E . 4.16 -4.85 12.88
C3' AMP E . 3.27 -6.29 11.28
O3' AMP E . 2.93 -6.46 9.92
C2' AMP E . 4.67 -6.83 11.64
O2' AMP E . 5.57 -6.62 10.56
C1' AMP E . 5.09 -5.92 12.81
N9 AMP E . 5.11 -6.62 14.11
C8 AMP E . 6.07 -6.43 15.03
N7 AMP E . 5.84 -7.20 16.13
C5 AMP E . 4.72 -7.92 15.90
C6 AMP E . 3.94 -8.91 16.65
N6 AMP E . 4.32 -9.32 17.89
N1 AMP E . 2.83 -9.42 16.06
C2 AMP E . 2.45 -9.02 14.84
N3 AMP E . 3.11 -8.11 14.10
C4 AMP E . 4.25 -7.53 14.56
#